data_6K3A
#
_entry.id   6K3A
#
_cell.length_a   141.540
_cell.length_b   81.598
_cell.length_c   68.105
_cell.angle_alpha   90.00
_cell.angle_beta   90.02
_cell.angle_gamma   90.00
#
_symmetry.space_group_name_H-M   'C 1 2 1'
#
loop_
_entity.id
_entity.type
_entity.pdbx_description
1 polymer 'Proliferating cell nuclear antigen'
2 polymer 'Peptide from DNA (cytosine-5)-methyltransferase 1'
3 water water
#
loop_
_entity_poly.entity_id
_entity_poly.type
_entity_poly.pdbx_seq_one_letter_code
_entity_poly.pdbx_strand_id
1 'polypeptide(L)'
;GPGMFEARLVQGSILKKVLEALKDLINEACWDISSSGVNLQSMDSSHVSLVQLTLRSEGFDTYRCDRNLAMGVNLTSMSK
ILKCAGNEDIITLRAEDNADTLALVFEAPNQEKVSDYEMKLMDLDVEQLGIPEQEYSCVVKMPSGEFARICRDLSHIGDA
VVISCAKDGVKFSASGELGNGNIKLSQTSNVDKEEEAVTIEMNEPVQLTFALRYLNFFTKATPLSSTVTLSMSADVPLVV
EYKIADMGHLKYYLAPKIEDEEGS
;
A,C,E
2 'polypeptide(L)' STRQTTITSHFAKGPAKRKP B,D,F
#
# COMPACT_ATOMS: atom_id res chain seq x y z
N MET A 4 -32.71 20.48 -19.26
CA MET A 4 -32.51 19.95 -17.91
C MET A 4 -32.40 18.43 -17.93
N PHE A 5 -31.28 17.93 -17.42
CA PHE A 5 -31.02 16.49 -17.35
C PHE A 5 -30.87 16.09 -15.89
N GLU A 6 -31.46 14.96 -15.53
CA GLU A 6 -31.35 14.44 -14.18
C GLU A 6 -31.41 12.92 -14.26
N ALA A 7 -30.37 12.26 -13.76
CA ALA A 7 -30.27 10.81 -13.75
C ALA A 7 -29.88 10.38 -12.35
N ARG A 8 -30.76 9.62 -11.69
CA ARG A 8 -30.47 9.06 -10.39
C ARG A 8 -29.96 7.64 -10.58
N LEU A 9 -28.87 7.33 -9.89
CA LEU A 9 -28.33 5.99 -9.92
C LEU A 9 -28.08 5.52 -8.48
N VAL A 10 -28.72 4.39 -8.11
CA VAL A 10 -28.63 3.92 -6.74
C VAL A 10 -27.33 3.16 -6.50
N GLN A 11 -26.88 2.38 -7.50
CA GLN A 11 -25.56 1.74 -7.39
C GLN A 11 -24.51 2.70 -7.97
N GLY A 12 -24.39 3.84 -7.28
CA GLY A 12 -23.44 4.87 -7.66
C GLY A 12 -22.03 4.33 -7.83
N SER A 13 -21.71 3.22 -7.16
CA SER A 13 -20.44 2.53 -7.36
C SER A 13 -20.13 2.33 -8.83
N ILE A 14 -21.16 2.03 -9.64
CA ILE A 14 -20.96 1.86 -11.08
C ILE A 14 -20.26 3.07 -11.67
N LEU A 15 -20.79 4.27 -11.38
CA LEU A 15 -20.18 5.48 -11.92
C LEU A 15 -18.79 5.70 -11.34
N LYS A 16 -18.60 5.38 -10.06
CA LYS A 16 -17.27 5.44 -9.49
C LYS A 16 -16.31 4.53 -10.23
N LYS A 17 -16.72 3.27 -10.44
CA LYS A 17 -15.88 2.33 -11.17
C LYS A 17 -15.64 2.80 -12.60
N VAL A 18 -16.66 3.35 -13.24
CA VAL A 18 -16.51 3.79 -14.63
C VAL A 18 -15.39 4.82 -14.73
N LEU A 19 -15.44 5.83 -13.88
CA LEU A 19 -14.43 6.88 -13.93
C LEU A 19 -13.07 6.41 -13.43
N GLU A 20 -13.04 5.46 -12.50
CA GLU A 20 -11.77 4.83 -12.16
C GLU A 20 -11.14 4.18 -13.40
N ALA A 21 -11.96 3.68 -14.32
CA ALA A 21 -11.45 3.02 -15.51
C ALA A 21 -10.95 3.99 -16.57
N LEU A 22 -11.49 5.21 -16.60
CA LEU A 22 -11.23 6.13 -17.70
C LEU A 22 -10.25 7.24 -17.35
N LYS A 23 -10.20 7.62 -16.07
CA LYS A 23 -9.47 8.82 -15.66
C LYS A 23 -8.01 8.80 -16.11
N ASP A 24 -7.39 7.63 -16.12
CA ASP A 24 -5.96 7.52 -16.43
C ASP A 24 -5.70 7.27 -17.90
N LEU A 25 -6.72 7.36 -18.74
CA LEU A 25 -6.57 7.13 -20.17
C LEU A 25 -7.09 8.30 -21.00
N ILE A 26 -8.06 9.07 -20.52
CA ILE A 26 -8.59 10.23 -21.22
C ILE A 26 -8.53 11.43 -20.29
N ASN A 27 -8.00 12.55 -20.78
CA ASN A 27 -7.95 13.76 -19.99
C ASN A 27 -9.31 14.47 -19.99
N GLU A 28 -9.74 14.94 -21.15
CA GLU A 28 -11.01 15.63 -21.31
C GLU A 28 -11.85 14.86 -22.33
N ALA A 29 -13.11 14.58 -21.97
CA ALA A 29 -14.00 13.85 -22.84
C ALA A 29 -15.40 14.45 -22.76
N CYS A 30 -16.14 14.32 -23.84
CA CYS A 30 -17.49 14.86 -23.94
C CYS A 30 -18.49 13.75 -23.60
N TRP A 31 -19.34 14.01 -22.61
CA TRP A 31 -20.42 13.09 -22.26
C TRP A 31 -21.65 13.44 -23.09
N ASP A 32 -22.03 12.54 -23.98
CA ASP A 32 -23.24 12.71 -24.79
C ASP A 32 -24.43 12.25 -23.96
N ILE A 33 -25.21 13.20 -23.46
CA ILE A 33 -26.43 12.89 -22.73
C ILE A 33 -27.61 13.05 -23.67
N SER A 34 -28.44 12.02 -23.75
CA SER A 34 -29.63 12.03 -24.57
C SER A 34 -30.72 11.27 -23.84
N SER A 35 -31.93 11.30 -24.42
CA SER A 35 -33.04 10.57 -23.83
C SER A 35 -32.74 9.08 -23.73
N SER A 36 -31.98 8.55 -24.68
CA SER A 36 -31.68 7.12 -24.68
C SER A 36 -30.66 6.76 -23.60
N GLY A 37 -29.91 7.72 -23.10
CA GLY A 37 -29.00 7.48 -22.01
C GLY A 37 -27.76 8.32 -22.16
N VAL A 38 -26.72 7.91 -21.46
CA VAL A 38 -25.45 8.62 -21.46
C VAL A 38 -24.51 7.91 -22.42
N ASN A 39 -23.85 8.69 -23.27
CA ASN A 39 -22.87 8.15 -24.20
C ASN A 39 -21.56 8.90 -24.03
N LEU A 40 -20.46 8.15 -24.01
CA LEU A 40 -19.15 8.74 -24.00
C LEU A 40 -18.28 7.96 -24.98
N GLN A 41 -17.68 8.68 -25.91
CA GLN A 41 -16.79 8.10 -26.89
C GLN A 41 -15.61 9.04 -27.04
N SER A 42 -14.39 8.52 -26.88
CA SER A 42 -13.22 9.37 -26.81
C SER A 42 -12.00 8.54 -27.10
N MET A 43 -11.11 9.09 -27.92
CA MET A 43 -9.77 8.55 -27.99
C MET A 43 -9.03 8.77 -26.68
N ASP A 44 -8.06 7.91 -26.40
CA ASP A 44 -7.18 8.16 -25.28
C ASP A 44 -6.16 9.22 -25.65
N SER A 45 -5.36 9.63 -24.68
CA SER A 45 -4.41 10.70 -24.93
C SER A 45 -3.29 10.27 -25.87
N SER A 46 -3.03 8.97 -25.96
CA SER A 46 -1.99 8.43 -26.84
C SER A 46 -2.45 8.26 -28.28
N HIS A 47 -3.75 8.42 -28.56
CA HIS A 47 -4.31 8.28 -29.91
C HIS A 47 -4.17 6.88 -30.46
N VAL A 48 -4.02 5.87 -29.60
CA VAL A 48 -3.92 4.48 -30.01
C VAL A 48 -5.18 3.70 -29.72
N SER A 49 -6.11 4.24 -28.95
CA SER A 49 -7.28 3.50 -28.53
C SER A 49 -8.50 4.39 -28.61
N LEU A 50 -9.67 3.76 -28.58
CA LEU A 50 -10.95 4.45 -28.59
C LEU A 50 -11.83 3.83 -27.51
N VAL A 51 -12.35 4.67 -26.64
CA VAL A 51 -13.20 4.22 -25.56
C VAL A 51 -14.64 4.55 -25.91
N GLN A 52 -15.53 3.61 -25.66
CA GLN A 52 -16.94 3.79 -25.93
C GLN A 52 -17.70 3.35 -24.69
N LEU A 53 -18.30 4.31 -23.99
CA LEU A 53 -19.07 4.05 -22.78
C LEU A 53 -20.53 4.28 -23.09
N THR A 54 -21.37 3.36 -22.65
CA THR A 54 -22.81 3.44 -22.85
C THR A 54 -23.48 3.09 -21.53
N LEU A 55 -24.20 4.03 -20.97
CA LEU A 55 -25.08 3.77 -19.83
C LEU A 55 -26.50 4.03 -20.31
N ARG A 56 -27.26 2.96 -20.51
CA ARG A 56 -28.63 3.09 -20.99
C ARG A 56 -29.49 3.79 -19.95
N SER A 57 -30.41 4.63 -20.42
CA SER A 57 -31.31 5.33 -19.51
C SER A 57 -32.05 4.34 -18.62
N GLU A 58 -32.41 3.18 -19.18
CA GLU A 58 -33.09 2.12 -18.42
C GLU A 58 -32.31 1.76 -17.15
N GLY A 59 -30.98 1.70 -17.23
CA GLY A 59 -30.19 1.31 -16.08
C GLY A 59 -30.28 2.27 -14.92
N PHE A 60 -30.64 3.53 -15.17
CA PHE A 60 -30.82 4.48 -14.09
C PHE A 60 -32.15 4.25 -13.40
N ASP A 61 -32.22 4.65 -12.14
CA ASP A 61 -33.43 4.45 -11.38
C ASP A 61 -34.44 5.56 -11.63
N THR A 62 -33.95 6.78 -11.85
CA THR A 62 -34.70 7.82 -12.55
C THR A 62 -33.80 8.43 -13.59
N TYR A 63 -34.37 8.73 -14.76
CA TYR A 63 -33.59 9.31 -15.84
C TYR A 63 -34.48 10.28 -16.59
N ARG A 64 -33.97 11.48 -16.82
CA ARG A 64 -34.72 12.51 -17.53
C ARG A 64 -33.74 13.39 -18.29
N CYS A 65 -34.01 13.58 -19.58
CA CYS A 65 -33.19 14.49 -20.40
C CYS A 65 -34.13 15.12 -21.43
N ASP A 66 -34.55 16.36 -21.16
CA ASP A 66 -35.46 17.06 -22.07
C ASP A 66 -34.82 17.27 -23.44
N ARG A 67 -33.57 17.71 -23.46
CA ARG A 67 -32.85 18.01 -24.69
C ARG A 67 -31.45 17.44 -24.59
N ASN A 68 -30.94 16.95 -25.72
CA ASN A 68 -29.61 16.36 -25.74
C ASN A 68 -28.59 17.37 -25.24
N LEU A 69 -27.52 16.86 -24.65
CA LEU A 69 -26.50 17.72 -24.07
C LEU A 69 -25.13 17.06 -24.17
N ALA A 70 -24.15 17.85 -24.55
CA ALA A 70 -22.77 17.41 -24.69
C ALA A 70 -21.95 18.15 -23.64
N MET A 71 -21.62 17.47 -22.55
CA MET A 71 -20.88 18.08 -21.45
C MET A 71 -19.41 17.73 -21.61
N GLY A 72 -18.60 18.73 -21.93
CA GLY A 72 -17.16 18.56 -21.84
C GLY A 72 -16.77 18.40 -20.38
N VAL A 73 -16.06 17.32 -20.09
CA VAL A 73 -15.76 16.94 -18.72
C VAL A 73 -14.27 16.63 -18.60
N ASN A 74 -13.62 17.24 -17.61
CA ASN A 74 -12.29 16.78 -17.20
C ASN A 74 -12.48 15.52 -16.39
N LEU A 75 -12.00 14.39 -16.92
CA LEU A 75 -12.31 13.11 -16.31
C LEU A 75 -11.57 12.91 -15.00
N THR A 76 -10.41 13.55 -14.84
CA THR A 76 -9.70 13.46 -13.57
C THR A 76 -10.46 14.21 -12.47
N SER A 77 -10.88 15.44 -12.76
CA SER A 77 -11.64 16.21 -11.79
C SER A 77 -12.93 15.49 -11.46
N MET A 78 -13.55 14.86 -12.45
CA MET A 78 -14.77 14.11 -12.20
C MET A 78 -14.52 12.87 -11.35
N SER A 79 -13.46 12.08 -11.61
CA SER A 79 -13.25 10.97 -10.65
C SER A 79 -12.96 11.52 -9.27
N LYS A 80 -12.19 12.59 -9.18
CA LYS A 80 -11.89 13.17 -7.87
C LYS A 80 -13.18 13.43 -7.12
N ILE A 81 -14.15 14.03 -7.82
CA ILE A 81 -15.46 14.30 -7.22
C ILE A 81 -16.15 12.99 -6.86
N LEU A 82 -16.02 11.99 -7.73
CA LEU A 82 -16.65 10.70 -7.45
C LEU A 82 -15.91 9.95 -6.35
N LYS A 83 -14.65 10.27 -6.11
CA LYS A 83 -13.98 9.72 -4.93
C LYS A 83 -14.56 10.28 -3.65
N CYS A 84 -15.36 11.33 -3.73
CA CYS A 84 -16.06 11.88 -2.56
C CYS A 84 -17.42 11.23 -2.35
N ALA A 85 -17.78 10.25 -3.19
CA ALA A 85 -19.00 9.51 -3.01
C ALA A 85 -18.71 8.22 -2.25
N GLY A 86 -19.48 7.97 -1.20
CA GLY A 86 -19.39 6.68 -0.54
C GLY A 86 -19.72 5.56 -1.51
N ASN A 87 -19.07 4.41 -1.30
CA ASN A 87 -19.24 3.30 -2.22
C ASN A 87 -20.67 2.76 -2.22
N GLU A 88 -21.52 3.23 -1.30
CA GLU A 88 -22.92 2.85 -1.25
C GLU A 88 -23.83 4.07 -1.32
N ASP A 89 -23.30 5.21 -1.79
CA ASP A 89 -24.11 6.40 -1.93
C ASP A 89 -24.97 6.30 -3.17
N ILE A 90 -26.06 7.04 -3.16
CA ILE A 90 -26.92 7.18 -4.32
C ILE A 90 -26.59 8.50 -5.04
N ILE A 91 -26.05 8.35 -6.24
CA ILE A 91 -25.53 9.44 -7.01
C ILE A 91 -26.61 9.90 -7.97
N THR A 92 -26.88 11.19 -7.94
CA THR A 92 -27.77 11.84 -8.89
C THR A 92 -26.93 12.82 -9.69
N LEU A 93 -27.04 12.73 -11.01
CA LEU A 93 -26.42 13.69 -11.90
C LEU A 93 -27.48 14.71 -12.29
N ARG A 94 -27.08 15.96 -12.43
CA ARG A 94 -28.04 17.03 -12.67
C ARG A 94 -27.36 18.12 -13.50
N ALA A 95 -27.92 18.39 -14.68
CA ALA A 95 -27.42 19.45 -15.53
C ALA A 95 -28.59 20.24 -16.09
N GLU A 96 -28.34 21.49 -16.42
CA GLU A 96 -29.29 22.30 -17.16
C GLU A 96 -28.74 22.56 -18.55
N ASP A 97 -29.58 23.08 -19.43
CA ASP A 97 -29.09 23.48 -20.74
C ASP A 97 -28.21 24.72 -20.61
N ASN A 98 -27.19 24.80 -21.45
CA ASN A 98 -26.17 25.85 -21.37
C ASN A 98 -25.42 25.81 -20.04
N ALA A 99 -25.32 24.62 -19.44
CA ALA A 99 -24.69 24.50 -18.13
C ALA A 99 -23.20 24.78 -18.21
N ASP A 100 -22.71 25.62 -17.29
CA ASP A 100 -21.28 25.71 -17.05
C ASP A 100 -20.81 24.69 -16.02
N THR A 101 -21.73 23.88 -15.50
CA THR A 101 -21.46 23.06 -14.34
C THR A 101 -22.31 21.79 -14.41
N LEU A 102 -21.75 20.68 -13.97
CA LEU A 102 -22.50 19.46 -13.76
C LEU A 102 -22.69 19.26 -12.25
N ALA A 103 -23.93 19.02 -11.85
CA ALA A 103 -24.23 18.80 -10.44
C ALA A 103 -24.18 17.32 -10.14
N LEU A 104 -23.42 16.95 -9.12
CA LEU A 104 -23.38 15.58 -8.64
C LEU A 104 -23.80 15.58 -7.18
N VAL A 105 -24.84 14.82 -6.86
CA VAL A 105 -25.39 14.75 -5.53
C VAL A 105 -25.21 13.34 -5.00
N PHE A 106 -24.54 13.23 -3.85
CA PHE A 106 -24.26 11.94 -3.24
C PHE A 106 -25.11 11.85 -1.98
N GLU A 107 -26.06 10.92 -1.98
CA GLU A 107 -26.93 10.69 -0.84
C GLU A 107 -26.48 9.41 -0.14
N ALA A 108 -26.06 9.54 1.11
CA ALA A 108 -25.71 8.36 1.87
C ALA A 108 -26.97 7.70 2.42
N PRO A 109 -26.99 6.36 2.50
CA PRO A 109 -28.16 5.61 2.97
C PRO A 109 -28.11 5.31 4.46
N GLU A 112 -27.64 10.33 6.97
CA GLU A 112 -28.01 11.73 7.15
C GLU A 112 -26.91 12.65 6.64
N LYS A 113 -26.27 12.25 5.55
CA LYS A 113 -25.21 13.01 4.91
C LYS A 113 -25.55 13.13 3.44
N VAL A 114 -25.66 14.37 2.96
CA VAL A 114 -25.93 14.64 1.55
C VAL A 114 -24.81 15.52 1.03
N SER A 115 -24.16 15.07 -0.03
CA SER A 115 -23.03 15.78 -0.62
C SER A 115 -23.44 16.35 -1.97
N ASP A 116 -23.17 17.64 -2.16
CA ASP A 116 -23.54 18.35 -3.37
C ASP A 116 -22.27 18.89 -4.01
N TYR A 117 -21.93 18.37 -5.19
CA TYR A 117 -20.76 18.83 -5.92
C TYR A 117 -21.17 19.46 -7.25
N GLU A 118 -20.54 20.59 -7.56
CA GLU A 118 -20.63 21.22 -8.86
C GLU A 118 -19.27 21.09 -9.51
N MET A 119 -19.24 20.46 -10.69
CA MET A 119 -18.01 20.29 -11.45
C MET A 119 -18.04 21.25 -12.63
N LYS A 120 -17.03 22.09 -12.75
CA LYS A 120 -16.94 22.99 -13.88
C LYS A 120 -16.83 22.18 -15.17
N LEU A 121 -17.66 22.53 -16.15
CA LEU A 121 -17.59 21.88 -17.43
C LEU A 121 -16.64 22.64 -18.36
N MET A 122 -16.06 21.90 -19.30
CA MET A 122 -15.21 22.47 -20.33
C MET A 122 -16.01 22.60 -21.62
N ASP A 123 -15.46 23.32 -22.58
CA ASP A 123 -16.05 23.38 -23.92
C ASP A 123 -15.46 22.28 -24.80
N LEU A 124 -16.34 21.50 -25.42
CA LEU A 124 -16.02 20.39 -26.34
C LEU A 124 -14.56 20.28 -26.80
N GLN A 128 -16.16 12.57 -32.56
CA GLN A 128 -14.99 12.81 -33.39
C GLN A 128 -14.66 11.66 -34.32
N LEU A 129 -14.65 10.44 -33.78
CA LEU A 129 -14.26 9.25 -34.52
C LEU A 129 -15.43 8.29 -34.65
N GLY A 130 -15.58 7.70 -35.84
CA GLY A 130 -16.68 6.79 -36.11
C GLY A 130 -16.22 5.35 -35.99
N ILE A 131 -17.05 4.53 -35.35
CA ILE A 131 -16.76 3.11 -35.18
C ILE A 131 -17.27 2.38 -36.41
N PRO A 132 -16.43 1.68 -37.15
CA PRO A 132 -16.89 1.00 -38.36
C PRO A 132 -17.71 -0.22 -37.98
N GLU A 133 -18.41 -0.76 -38.97
CA GLU A 133 -19.04 -2.06 -38.79
C GLU A 133 -18.00 -3.13 -39.04
N GLN A 134 -17.92 -4.10 -38.14
CA GLN A 134 -16.87 -5.11 -38.16
C GLN A 134 -17.44 -6.43 -37.68
N GLU A 135 -17.29 -7.46 -38.51
CA GLU A 135 -17.35 -8.83 -38.04
C GLU A 135 -15.96 -9.22 -37.56
N TYR A 136 -15.90 -9.89 -36.42
CA TYR A 136 -14.63 -10.24 -35.80
C TYR A 136 -14.34 -11.71 -36.01
N SER A 137 -13.21 -11.98 -36.68
CA SER A 137 -12.81 -13.37 -36.94
C SER A 137 -12.80 -14.22 -35.70
N CYS A 138 -12.44 -13.64 -34.55
CA CYS A 138 -12.36 -14.40 -33.32
C CYS A 138 -12.86 -13.57 -32.15
N VAL A 139 -13.71 -14.17 -31.34
CA VAL A 139 -14.25 -13.52 -30.15
C VAL A 139 -13.98 -14.43 -28.96
N VAL A 140 -13.39 -13.85 -27.92
CA VAL A 140 -13.02 -14.60 -26.73
C VAL A 140 -13.73 -13.98 -25.55
N LYS A 141 -14.52 -14.78 -24.84
CA LYS A 141 -15.15 -14.37 -23.60
C LYS A 141 -14.44 -15.11 -22.47
N MET A 142 -14.02 -14.36 -21.45
CA MET A 142 -13.23 -14.94 -20.38
C MET A 142 -13.45 -14.10 -19.13
N PRO A 143 -13.02 -14.59 -17.97
CA PRO A 143 -13.13 -13.77 -16.76
C PRO A 143 -12.24 -12.55 -16.84
N SER A 144 -12.76 -11.42 -16.35
CA SER A 144 -12.00 -10.17 -16.41
C SER A 144 -10.75 -10.24 -15.54
N GLY A 145 -10.88 -10.83 -14.35
CA GLY A 145 -9.72 -10.98 -13.50
C GLY A 145 -8.61 -11.79 -14.14
N GLU A 146 -8.96 -12.88 -14.81
CA GLU A 146 -7.95 -13.68 -15.50
C GLU A 146 -7.27 -12.88 -16.60
N PHE A 147 -8.05 -12.10 -17.35
CA PHE A 147 -7.47 -11.30 -18.44
C PHE A 147 -6.56 -10.20 -17.88
N ALA A 148 -6.95 -9.59 -16.76
CA ALA A 148 -6.11 -8.56 -16.15
C ALA A 148 -4.82 -9.16 -15.63
N ARG A 149 -4.89 -10.37 -15.07
CA ARG A 149 -3.67 -11.03 -14.62
C ARG A 149 -2.77 -11.36 -15.79
N ILE A 150 -3.36 -11.76 -16.92
CA ILE A 150 -2.57 -12.07 -18.12
C ILE A 150 -1.80 -10.83 -18.58
N CYS A 151 -2.48 -9.69 -18.68
CA CYS A 151 -1.81 -8.50 -19.19
C CYS A 151 -0.87 -7.90 -18.15
N ARG A 152 -1.15 -8.12 -16.87
CA ARG A 152 -0.20 -7.77 -15.83
C ARG A 152 1.04 -8.64 -15.90
N ASP A 153 0.84 -9.97 -15.90
CA ASP A 153 1.98 -10.89 -15.93
C ASP A 153 2.87 -10.65 -17.15
N LEU A 154 2.28 -10.60 -18.33
CA LEU A 154 3.08 -10.48 -19.53
C LEU A 154 3.81 -9.15 -19.61
N SER A 155 3.35 -8.13 -18.88
CA SER A 155 4.05 -6.85 -18.90
C SER A 155 5.35 -6.91 -18.11
N HIS A 156 5.53 -7.91 -17.25
CA HIS A 156 6.85 -8.18 -16.71
C HIS A 156 7.76 -8.81 -17.74
N ILE A 157 7.22 -9.30 -18.84
CA ILE A 157 8.02 -10.04 -19.82
C ILE A 157 8.37 -9.13 -20.99
N GLY A 158 7.46 -8.24 -21.36
CA GLY A 158 7.70 -7.39 -22.51
C GLY A 158 6.70 -6.28 -22.59
N ASP A 159 6.84 -5.47 -23.64
CA ASP A 159 5.93 -4.36 -23.90
C ASP A 159 4.77 -4.74 -24.79
N ALA A 160 4.92 -5.80 -25.58
CA ALA A 160 3.92 -6.20 -26.56
C ALA A 160 3.41 -7.59 -26.24
N VAL A 161 2.12 -7.80 -26.52
CA VAL A 161 1.51 -9.11 -26.38
C VAL A 161 1.07 -9.57 -27.76
N VAL A 162 1.47 -10.78 -28.12
CA VAL A 162 0.95 -11.43 -29.32
C VAL A 162 -0.26 -12.22 -28.89
N ILE A 163 -1.45 -11.80 -29.31
CA ILE A 163 -2.67 -12.53 -29.01
C ILE A 163 -2.90 -13.42 -30.22
N SER A 164 -2.80 -14.74 -30.01
CA SER A 164 -3.01 -15.72 -31.05
C SER A 164 -4.23 -16.53 -30.67
N CYS A 165 -5.15 -16.67 -31.61
CA CYS A 165 -6.41 -17.33 -31.32
C CYS A 165 -6.76 -18.44 -32.31
N GLY A 169 -8.85 -22.29 -28.27
CA GLY A 169 -7.62 -21.93 -27.59
C GLY A 169 -7.06 -20.58 -28.00
N VAL A 170 -6.84 -19.70 -27.02
CA VAL A 170 -6.23 -18.40 -27.24
C VAL A 170 -4.88 -18.37 -26.51
N LYS A 171 -3.86 -17.87 -27.19
CA LYS A 171 -2.51 -17.79 -26.66
C LYS A 171 -2.07 -16.33 -26.58
N PHE A 172 -1.54 -15.93 -25.43
CA PHE A 172 -1.00 -14.61 -25.21
C PHE A 172 0.50 -14.74 -25.01
N SER A 173 1.28 -14.09 -25.86
CA SER A 173 2.73 -14.26 -25.86
C SER A 173 3.43 -12.90 -25.80
N ALA A 174 4.46 -12.82 -24.97
CA ALA A 174 5.30 -11.64 -24.88
C ALA A 174 6.75 -12.07 -24.90
N SER A 175 7.62 -11.14 -25.31
CA SER A 175 9.04 -11.40 -25.28
C SER A 175 9.77 -10.12 -24.90
N GLY A 176 10.84 -10.26 -24.14
CA GLY A 176 11.72 -9.16 -23.82
C GLY A 176 13.15 -9.62 -23.73
N GLU A 177 14.00 -8.80 -23.11
CA GLU A 177 15.39 -9.19 -22.89
C GLU A 177 15.46 -10.43 -22.00
N LEU A 178 14.63 -10.48 -20.96
CA LEU A 178 14.75 -11.48 -19.91
C LEU A 178 14.29 -12.86 -20.40
N GLY A 179 13.54 -12.92 -21.47
CA GLY A 179 13.04 -14.17 -22.01
C GLY A 179 11.69 -13.95 -22.69
N ASN A 180 10.85 -14.98 -22.66
CA ASN A 180 9.53 -14.86 -23.25
C ASN A 180 8.57 -15.74 -22.49
N GLY A 181 7.29 -15.53 -22.77
CA GLY A 181 6.23 -16.23 -22.10
C GLY A 181 5.05 -16.40 -23.04
N ASN A 182 4.37 -17.53 -22.91
CA ASN A 182 3.18 -17.85 -23.68
C ASN A 182 2.13 -18.29 -22.69
N ILE A 183 0.95 -17.69 -22.75
CA ILE A 183 -0.15 -18.03 -21.86
C ILE A 183 -1.28 -18.55 -22.72
N LYS A 184 -1.69 -19.80 -22.45
CA LYS A 184 -2.67 -20.50 -23.25
C LYS A 184 -3.90 -20.79 -22.41
N LEU A 185 -5.04 -20.25 -22.82
CA LEU A 185 -6.33 -20.56 -22.23
C LEU A 185 -7.17 -21.32 -23.25
N SER A 186 -7.93 -22.30 -22.77
CA SER A 186 -8.94 -22.97 -23.58
C SER A 186 -10.26 -22.97 -22.83
N GLN A 187 -11.26 -23.63 -23.41
CA GLN A 187 -12.62 -23.52 -22.91
C GLN A 187 -12.95 -24.48 -21.77
N GLU A 196 -15.77 -16.98 -14.76
CA GLU A 196 -15.50 -18.40 -14.51
C GLU A 196 -15.00 -19.10 -15.78
N ALA A 197 -15.82 -19.09 -16.83
CA ALA A 197 -15.57 -19.83 -18.05
C ALA A 197 -14.75 -19.01 -19.05
N VAL A 198 -14.17 -19.71 -20.01
CA VAL A 198 -13.54 -19.11 -21.17
C VAL A 198 -14.20 -19.72 -22.40
N THR A 199 -14.75 -18.88 -23.26
CA THR A 199 -15.41 -19.35 -24.48
C THR A 199 -14.80 -18.63 -25.67
N ILE A 200 -14.66 -19.36 -26.77
CA ILE A 200 -14.05 -18.85 -27.99
C ILE A 200 -14.97 -19.17 -29.17
N GLU A 201 -15.39 -18.13 -29.88
CA GLU A 201 -16.06 -18.28 -31.17
C GLU A 201 -15.06 -17.81 -32.21
N MET A 202 -14.53 -18.76 -32.98
CA MET A 202 -13.44 -18.48 -33.92
C MET A 202 -13.91 -18.80 -35.33
N ASN A 203 -14.11 -17.75 -36.13
CA ASN A 203 -14.44 -17.90 -37.54
C ASN A 203 -13.20 -17.91 -38.42
N GLU A 204 -12.03 -17.65 -37.85
CA GLU A 204 -10.76 -17.57 -38.54
C GLU A 204 -9.65 -17.50 -37.50
N PRO A 205 -8.49 -18.09 -37.75
CA PRO A 205 -7.36 -17.88 -36.83
C PRO A 205 -6.79 -16.49 -37.05
N VAL A 206 -6.59 -15.78 -35.95
CA VAL A 206 -6.04 -14.42 -36.00
C VAL A 206 -4.85 -14.34 -35.06
N GLN A 207 -3.84 -13.57 -35.47
CA GLN A 207 -2.69 -13.29 -34.63
C GLN A 207 -2.42 -11.80 -34.71
N LEU A 208 -2.56 -11.11 -33.59
CA LEU A 208 -2.41 -9.67 -33.55
C LEU A 208 -1.50 -9.29 -32.40
N THR A 209 -0.81 -8.17 -32.57
CA THR A 209 0.15 -7.68 -31.59
C THR A 209 -0.35 -6.37 -31.00
N PHE A 210 -0.30 -6.25 -29.68
CA PHE A 210 -0.83 -5.07 -29.00
C PHE A 210 0.09 -4.64 -27.87
N ALA A 211 0.09 -3.34 -27.60
CA ALA A 211 0.86 -2.79 -26.49
C ALA A 211 0.19 -3.13 -25.17
N LEU A 212 0.94 -3.80 -24.29
CA LEU A 212 0.38 -4.19 -23.00
C LEU A 212 0.06 -2.99 -22.13
N ARG A 213 0.81 -1.88 -22.30
CA ARG A 213 0.56 -0.69 -21.51
C ARG A 213 -0.89 -0.24 -21.62
N TYR A 214 -1.45 -0.32 -22.82
CA TYR A 214 -2.83 0.13 -23.01
C TYR A 214 -3.83 -0.92 -22.54
N LEU A 215 -3.57 -2.20 -22.80
CA LEU A 215 -4.41 -3.25 -22.23
C LEU A 215 -4.43 -3.16 -20.71
N ASN A 216 -3.31 -2.75 -20.11
CA ASN A 216 -3.27 -2.59 -18.66
C ASN A 216 -4.08 -1.38 -18.20
N PHE A 217 -4.20 -0.35 -19.05
CA PHE A 217 -5.17 0.70 -18.74
C PHE A 217 -6.59 0.16 -18.85
N PHE A 218 -6.86 -0.67 -19.87
CA PHE A 218 -8.21 -1.16 -20.09
C PHE A 218 -8.68 -2.00 -18.92
N THR A 219 -7.79 -2.78 -18.32
CA THR A 219 -8.19 -3.67 -17.25
C THR A 219 -8.50 -2.92 -15.95
N LYS A 220 -8.31 -1.61 -15.91
CA LYS A 220 -8.83 -0.83 -14.80
C LYS A 220 -10.35 -0.88 -14.74
N ALA A 221 -11.00 -1.31 -15.82
CA ALA A 221 -12.45 -1.52 -15.84
C ALA A 221 -12.86 -2.86 -15.26
N THR A 222 -11.89 -3.68 -14.84
CA THR A 222 -12.19 -5.00 -14.29
C THR A 222 -13.24 -5.01 -13.17
N PRO A 223 -13.30 -4.04 -12.26
CA PRO A 223 -14.38 -4.06 -11.25
C PRO A 223 -15.79 -3.94 -11.83
N LEU A 224 -15.94 -3.54 -13.09
CA LEU A 224 -17.27 -3.36 -13.67
C LEU A 224 -17.95 -4.68 -14.05
N SER A 225 -17.18 -5.74 -14.24
CA SER A 225 -17.75 -6.97 -14.80
C SER A 225 -16.87 -8.16 -14.40
N SER A 226 -17.53 -9.30 -14.17
CA SER A 226 -16.83 -10.52 -13.83
C SER A 226 -16.06 -11.05 -15.03
N THR A 227 -16.56 -10.77 -16.24
CA THR A 227 -16.04 -11.31 -17.47
C THR A 227 -15.66 -10.16 -18.40
N VAL A 228 -14.88 -10.49 -19.42
CA VAL A 228 -14.50 -9.56 -20.46
C VAL A 228 -14.48 -10.30 -21.77
N THR A 229 -14.81 -9.59 -22.85
CA THR A 229 -14.81 -10.16 -24.19
C THR A 229 -13.79 -9.44 -25.04
N LEU A 230 -12.96 -10.22 -25.73
CA LEU A 230 -11.97 -9.70 -26.66
C LEU A 230 -12.39 -10.08 -28.06
N SER A 231 -12.62 -9.09 -28.90
CA SER A 231 -13.02 -9.31 -30.28
C SER A 231 -11.86 -8.95 -31.19
N MET A 232 -11.50 -9.88 -32.07
CA MET A 232 -10.32 -9.72 -32.91
C MET A 232 -10.65 -10.02 -34.36
N SER A 233 -9.91 -9.37 -35.24
CA SER A 233 -9.89 -9.73 -36.64
C SER A 233 -8.59 -9.18 -37.21
N ALA A 234 -8.14 -9.78 -38.31
CA ALA A 234 -6.86 -9.43 -38.89
C ALA A 234 -6.79 -7.94 -39.22
N ASP A 235 -5.76 -7.28 -38.68
CA ASP A 235 -5.39 -5.92 -39.07
C ASP A 235 -6.46 -4.89 -38.73
N VAL A 236 -7.28 -5.14 -37.71
CA VAL A 236 -8.23 -4.14 -37.22
C VAL A 236 -8.04 -4.01 -35.72
N PRO A 237 -8.51 -2.90 -35.13
CA PRO A 237 -8.37 -2.72 -33.68
C PRO A 237 -9.05 -3.82 -32.87
N LEU A 238 -8.42 -4.15 -31.75
CA LEU A 238 -8.97 -5.12 -30.80
C LEU A 238 -10.04 -4.46 -29.94
N VAL A 239 -11.11 -5.19 -29.68
CA VAL A 239 -12.19 -4.70 -28.85
C VAL A 239 -12.16 -5.46 -27.53
N VAL A 240 -11.97 -4.73 -26.45
CA VAL A 240 -12.06 -5.27 -25.11
C VAL A 240 -13.31 -4.65 -24.49
N GLU A 241 -14.33 -5.48 -24.28
CA GLU A 241 -15.64 -5.02 -23.86
C GLU A 241 -15.94 -5.47 -22.44
N TYR A 242 -16.34 -4.53 -21.60
CA TYR A 242 -16.80 -4.80 -20.24
C TYR A 242 -18.25 -4.38 -20.17
N LYS A 243 -19.15 -5.35 -20.05
CA LYS A 243 -20.56 -5.03 -19.94
C LYS A 243 -20.85 -4.59 -18.51
N ILE A 244 -21.64 -3.53 -18.38
CA ILE A 244 -22.06 -3.01 -17.09
C ILE A 244 -23.49 -3.49 -16.88
N ALA A 245 -23.63 -4.56 -16.10
CA ALA A 245 -24.88 -5.28 -15.90
C ALA A 245 -26.08 -4.35 -15.82
N ASP A 246 -27.00 -4.52 -16.77
CA ASP A 246 -28.22 -3.71 -16.94
C ASP A 246 -27.92 -2.41 -17.68
N MET A 247 -26.99 -1.62 -17.13
CA MET A 247 -26.76 -0.27 -17.63
C MET A 247 -26.25 -0.23 -19.07
N GLY A 248 -25.32 -1.10 -19.41
CA GLY A 248 -24.72 -1.03 -20.73
C GLY A 248 -23.31 -1.60 -20.80
N HIS A 249 -22.33 -0.80 -21.24
CA HIS A 249 -21.03 -1.38 -21.49
C HIS A 249 -19.95 -0.30 -21.52
N LEU A 250 -18.71 -0.78 -21.36
CA LEU A 250 -17.51 0.02 -21.56
C LEU A 250 -16.66 -0.73 -22.57
N LYS A 251 -16.45 -0.11 -23.72
CA LYS A 251 -15.75 -0.72 -24.84
C LYS A 251 -14.44 0.02 -25.04
N TYR A 252 -13.35 -0.73 -25.15
CA TYR A 252 -12.06 -0.19 -25.54
C TYR A 252 -11.66 -0.81 -26.86
N TYR A 253 -11.32 0.03 -27.84
CA TYR A 253 -10.75 -0.42 -29.10
C TYR A 253 -9.27 -0.05 -29.09
N LEU A 254 -8.41 -1.01 -29.42
CA LEU A 254 -6.97 -0.79 -29.36
C LEU A 254 -6.36 -1.02 -30.73
N ALA A 255 -5.80 0.03 -31.30
CA ALA A 255 -5.06 -0.09 -32.55
C ALA A 255 -3.92 -1.10 -32.38
N PRO A 256 -3.71 -1.99 -33.34
CA PRO A 256 -2.63 -2.98 -33.21
C PRO A 256 -1.27 -2.36 -33.48
N LYS A 257 -0.25 -3.10 -33.06
CA LYS A 257 1.09 -2.89 -33.58
C LYS A 257 1.25 -3.71 -34.84
N ILE A 258 1.85 -3.12 -35.87
CA ILE A 258 2.03 -3.83 -37.13
C ILE A 258 3.51 -3.90 -37.44
N GLU A 259 3.90 -4.97 -38.13
CA GLU A 259 5.31 -5.22 -38.41
C GLU A 259 5.83 -4.25 -39.46
N ASP A 260 7.03 -3.75 -39.23
CA ASP A 260 7.66 -2.84 -40.17
C ASP A 260 8.34 -3.61 -41.30
N THR B 2 8.02 -4.23 -35.33
CA THR B 2 6.67 -3.95 -34.87
C THR B 2 6.57 -2.52 -34.35
N ARG B 3 5.51 -1.81 -34.74
CA ARG B 3 5.34 -0.41 -34.37
C ARG B 3 3.88 -0.11 -34.12
N GLN B 4 3.62 0.68 -33.07
CA GLN B 4 2.27 1.03 -32.69
C GLN B 4 1.64 1.95 -33.74
N THR B 5 0.37 1.70 -34.05
CA THR B 5 -0.36 2.53 -34.99
C THR B 5 -1.42 3.35 -34.26
N THR B 6 -1.80 4.47 -34.86
CA THR B 6 -2.81 5.31 -34.27
C THR B 6 -4.19 4.76 -34.57
N ILE B 7 -5.11 4.93 -33.61
CA ILE B 7 -6.48 4.49 -33.82
C ILE B 7 -7.11 5.23 -34.99
N THR B 8 -6.69 6.47 -35.23
CA THR B 8 -7.24 7.25 -36.35
C THR B 8 -6.77 6.75 -37.70
N SER B 9 -5.71 5.95 -37.74
CA SER B 9 -5.29 5.35 -39.00
C SER B 9 -6.11 4.10 -39.34
N HIS B 10 -6.99 3.68 -38.44
CA HIS B 10 -7.92 2.58 -38.65
C HIS B 10 -9.36 3.03 -38.74
N PHE B 11 -9.77 3.94 -37.87
CA PHE B 11 -11.13 4.47 -37.81
C PHE B 11 -11.16 5.87 -38.41
N ALA B 12 -12.31 6.27 -38.92
CA ALA B 12 -12.43 7.54 -39.61
C ALA B 12 -13.44 8.46 -38.92
N LYS B 13 -13.50 9.69 -39.42
CA LYS B 13 -14.53 10.68 -39.06
C LYS B 13 -15.40 10.90 -40.30
N GLY B 14 -16.52 10.19 -40.38
CA GLY B 14 -17.39 10.25 -41.55
C GLY B 14 -17.99 11.58 -41.97
N MET C 4 19.27 -33.23 -19.73
CA MET C 4 17.90 -32.78 -19.56
C MET C 4 17.44 -32.89 -18.13
N PHE C 5 17.01 -31.76 -17.56
CA PHE C 5 16.53 -31.69 -16.19
C PHE C 5 15.07 -31.29 -16.19
N GLU C 6 14.29 -31.92 -15.33
CA GLU C 6 12.88 -31.58 -15.20
C GLU C 6 12.47 -31.81 -13.75
N ALA C 7 11.97 -30.76 -13.10
CA ALA C 7 11.52 -30.84 -11.72
C ALA C 7 10.13 -30.24 -11.66
N ARG C 8 9.15 -31.07 -11.30
CA ARG C 8 7.79 -30.61 -11.07
C ARG C 8 7.60 -30.35 -9.59
N LEU C 9 7.04 -29.18 -9.27
CA LEU C 9 6.77 -28.79 -7.90
C LEU C 9 5.31 -28.37 -7.83
N VAL C 10 4.55 -29.04 -6.96
CA VAL C 10 3.12 -28.77 -6.90
C VAL C 10 2.85 -27.53 -6.05
N GLN C 11 3.61 -27.35 -4.97
CA GLN C 11 3.52 -26.11 -4.17
C GLN C 11 4.50 -25.08 -4.73
N GLY C 12 4.22 -24.68 -5.98
CA GLY C 12 5.06 -23.68 -6.65
C GLY C 12 5.28 -22.43 -5.82
N SER C 13 4.35 -22.13 -4.91
CA SER C 13 4.51 -21.03 -3.98
C SER C 13 5.89 -21.04 -3.31
N ILE C 14 6.40 -22.24 -3.00
CA ILE C 14 7.73 -22.36 -2.39
C ILE C 14 8.77 -21.66 -3.26
N LEU C 15 8.77 -21.97 -4.56
CA LEU C 15 9.73 -21.35 -5.47
C LEU C 15 9.46 -19.85 -5.59
N LYS C 16 8.18 -19.46 -5.57
CA LYS C 16 7.86 -18.03 -5.55
C LYS C 16 8.44 -17.37 -4.31
N LYS C 17 8.20 -17.97 -3.14
CA LYS C 17 8.72 -17.41 -1.90
C LYS C 17 10.25 -17.40 -1.88
N VAL C 18 10.87 -18.44 -2.41
CA VAL C 18 12.33 -18.51 -2.41
C VAL C 18 12.92 -17.34 -3.18
N LEU C 19 12.39 -17.09 -4.37
CA LEU C 19 12.96 -16.00 -5.17
C LEU C 19 12.60 -14.63 -4.62
N GLU C 20 11.43 -14.48 -4.00
CA GLU C 20 11.17 -13.26 -3.26
C GLU C 20 12.21 -13.08 -2.16
N ALA C 21 12.71 -14.20 -1.62
CA ALA C 21 13.69 -14.18 -0.54
C ALA C 21 15.09 -13.80 -1.02
N LEU C 22 15.39 -14.02 -2.30
CA LEU C 22 16.74 -13.82 -2.82
C LEU C 22 16.91 -12.62 -3.74
N LYS C 23 15.84 -12.23 -4.45
CA LYS C 23 15.98 -11.30 -5.58
C LYS C 23 16.64 -9.97 -5.19
N ASP C 24 16.37 -9.47 -3.98
CA ASP C 24 16.85 -8.16 -3.57
C ASP C 24 18.20 -8.24 -2.86
N LEU C 25 18.82 -9.40 -2.88
CA LEU C 25 20.10 -9.60 -2.23
C LEU C 25 21.17 -10.11 -3.18
N ILE C 26 20.79 -10.84 -4.23
CA ILE C 26 21.73 -11.38 -5.20
C ILE C 26 21.25 -11.00 -6.59
N ASN C 27 22.15 -10.45 -7.41
CA ASN C 27 21.78 -10.11 -8.78
C ASN C 27 21.79 -11.35 -9.67
N GLU C 28 22.96 -11.95 -9.84
CA GLU C 28 23.12 -13.15 -10.66
C GLU C 28 23.68 -14.26 -9.79
N ALA C 29 23.07 -15.44 -9.86
CA ALA C 29 23.52 -16.58 -9.09
C ALA C 29 23.42 -17.83 -9.96
N CYS C 30 24.29 -18.78 -9.68
CA CYS C 30 24.33 -20.03 -10.41
C CYS C 30 23.54 -21.07 -9.64
N TRP C 31 22.54 -21.65 -10.29
CA TRP C 31 21.76 -22.73 -9.70
C TRP C 31 22.43 -24.06 -10.03
N ASP C 32 22.96 -24.72 -8.99
CA ASP C 32 23.55 -26.05 -9.15
C ASP C 32 22.44 -27.08 -9.13
N ILE C 33 22.08 -27.61 -10.29
CA ILE C 33 21.09 -28.67 -10.39
C ILE C 33 21.83 -29.99 -10.58
N SER C 34 21.48 -30.96 -9.74
CA SER C 34 22.09 -32.29 -9.77
C SER C 34 20.99 -33.29 -9.45
N SER C 35 21.35 -34.58 -9.54
CA SER C 35 20.39 -35.63 -9.21
C SER C 35 19.92 -35.52 -7.77
N SER C 36 20.79 -35.02 -6.88
CA SER C 36 20.41 -34.89 -5.48
C SER C 36 19.44 -33.74 -5.26
N GLY C 37 19.37 -32.79 -6.17
CA GLY C 37 18.40 -31.73 -6.09
C GLY C 37 18.97 -30.43 -6.61
N VAL C 38 18.32 -29.34 -6.24
CA VAL C 38 18.72 -28.01 -6.68
C VAL C 38 19.52 -27.37 -5.55
N ASN C 39 20.67 -26.82 -5.89
CA ASN C 39 21.52 -26.14 -4.94
C ASN C 39 21.83 -24.73 -5.44
N LEU C 40 21.78 -23.77 -4.53
CA LEU C 40 22.19 -22.42 -4.85
C LEU C 40 23.03 -21.89 -3.70
N GLN C 41 24.21 -21.40 -4.04
CA GLN C 41 25.12 -20.80 -3.07
C GLN C 41 25.71 -19.56 -3.71
N SER C 42 25.60 -18.43 -3.01
CA SER C 42 25.94 -17.15 -3.63
C SER C 42 26.18 -16.13 -2.54
N MET C 43 27.26 -15.36 -2.70
CA MET C 43 27.40 -14.13 -1.93
C MET C 43 26.35 -13.14 -2.38
N ASP C 44 25.98 -12.24 -1.48
CA ASP C 44 25.18 -11.12 -1.91
C ASP C 44 26.05 -10.13 -2.66
N SER C 45 25.41 -9.11 -3.23
CA SER C 45 26.17 -8.14 -4.02
C SER C 45 27.03 -7.25 -3.13
N SER C 46 26.71 -7.16 -1.84
CA SER C 46 27.49 -6.39 -0.89
C SER C 46 28.70 -7.15 -0.35
N HIS C 47 28.82 -8.44 -0.65
CA HIS C 47 29.96 -9.27 -0.25
C HIS C 47 30.07 -9.42 1.26
N VAL C 48 28.97 -9.23 1.99
CA VAL C 48 28.97 -9.40 3.45
C VAL C 48 28.24 -10.65 3.87
N SER C 49 27.51 -11.30 2.99
CA SER C 49 26.70 -12.42 3.38
C SER C 49 26.84 -13.55 2.36
N LEU C 50 26.42 -14.74 2.77
CA LEU C 50 26.44 -15.90 1.90
C LEU C 50 25.11 -16.62 2.02
N VAL C 51 24.48 -16.84 0.89
CA VAL C 51 23.19 -17.52 0.84
C VAL C 51 23.42 -18.94 0.38
N GLN C 52 22.76 -19.89 1.04
CA GLN C 52 22.86 -21.29 0.70
C GLN C 52 21.44 -21.81 0.64
N LEU C 53 20.97 -22.11 -0.56
CA LEU C 53 19.65 -22.65 -0.77
C LEU C 53 19.78 -24.09 -1.20
N THR C 54 18.98 -24.96 -0.60
CA THR C 54 18.98 -26.38 -0.92
C THR C 54 17.53 -26.82 -1.03
N LEU C 55 17.15 -27.26 -2.22
CA LEU C 55 15.87 -27.92 -2.43
C LEU C 55 16.18 -29.35 -2.85
N ARG C 56 15.95 -30.30 -1.93
CA ARG C 56 16.25 -31.70 -2.21
C ARG C 56 15.31 -32.24 -3.28
N SER C 57 15.84 -33.14 -4.12
CA SER C 57 15.04 -33.73 -5.19
C SER C 57 13.77 -34.38 -4.62
N GLU C 58 13.89 -35.00 -3.44
CA GLU C 58 12.74 -35.62 -2.78
C GLU C 58 11.57 -34.65 -2.65
N GLY C 59 11.86 -33.38 -2.32
CA GLY C 59 10.80 -32.41 -2.12
C GLY C 59 10.01 -32.13 -3.38
N PHE C 60 10.60 -32.36 -4.55
CA PHE C 60 9.86 -32.21 -5.79
C PHE C 60 8.96 -33.42 -5.99
N ASP C 61 7.87 -33.21 -6.70
CA ASP C 61 6.91 -34.28 -6.92
C ASP C 61 7.29 -35.15 -8.10
N THR C 62 7.92 -34.58 -9.12
CA THR C 62 8.76 -35.33 -10.03
C THR C 62 10.07 -34.56 -10.18
N TYR C 63 11.18 -35.29 -10.20
CA TYR C 63 12.49 -34.68 -10.33
C TYR C 63 13.37 -35.60 -11.14
N ARG C 64 14.05 -35.03 -12.13
CA ARG C 64 14.92 -35.81 -12.99
C ARG C 64 16.07 -34.91 -13.44
N CYS C 65 17.29 -35.41 -13.31
CA CYS C 65 18.48 -34.69 -13.78
C CYS C 65 19.46 -35.73 -14.28
N ASP C 66 19.52 -35.90 -15.61
CA ASP C 66 20.44 -36.87 -16.22
C ASP C 66 21.89 -36.52 -15.93
N ARG C 67 22.24 -35.25 -16.12
CA ARG C 67 23.59 -34.76 -15.93
C ARG C 67 23.53 -33.43 -15.20
N ASN C 68 24.48 -33.22 -14.31
CA ASN C 68 24.50 -31.98 -13.52
C ASN C 68 24.54 -30.77 -14.45
N LEU C 69 23.99 -29.67 -13.96
CA LEU C 69 23.90 -28.46 -14.77
C LEU C 69 24.01 -27.24 -13.86
N ALA C 70 24.76 -26.26 -14.32
CA ALA C 70 24.98 -25.01 -13.60
C ALA C 70 24.37 -23.89 -14.43
N MET C 71 23.19 -23.43 -14.03
CA MET C 71 22.48 -22.39 -14.76
C MET C 71 22.76 -21.04 -14.10
N GLY C 72 23.48 -20.19 -14.80
CA GLY C 72 23.56 -18.79 -14.41
C GLY C 72 22.21 -18.14 -14.61
N VAL C 73 21.70 -17.52 -13.55
CA VAL C 73 20.34 -16.99 -13.54
C VAL C 73 20.37 -15.56 -13.00
N ASN C 74 19.72 -14.65 -13.72
CA ASN C 74 19.41 -13.34 -13.17
C ASN C 74 18.22 -13.53 -12.24
N LEU C 75 18.44 -13.30 -10.94
CA LEU C 75 17.41 -13.64 -9.97
C LEU C 75 16.23 -12.68 -10.04
N THR C 76 16.47 -11.43 -10.47
CA THR C 76 15.35 -10.50 -10.62
C THR C 76 14.44 -10.94 -11.76
N SER C 77 15.02 -11.29 -12.90
CA SER C 77 14.23 -11.76 -14.02
C SER C 77 13.50 -13.04 -13.68
N MET C 78 14.15 -13.94 -12.95
CA MET C 78 13.46 -15.16 -12.53
C MET C 78 12.34 -14.83 -11.55
N SER C 79 12.59 -13.92 -10.60
CA SER C 79 11.52 -13.45 -9.73
C SER C 79 10.36 -12.88 -10.54
N LYS C 80 10.65 -12.01 -11.51
CA LYS C 80 9.61 -11.46 -12.36
C LYS C 80 8.79 -12.57 -13.02
N ILE C 81 9.48 -13.59 -13.55
CA ILE C 81 8.79 -14.70 -14.19
C ILE C 81 7.93 -15.45 -13.18
N LEU C 82 8.45 -15.63 -11.97
CA LEU C 82 7.68 -16.35 -10.95
C LEU C 82 6.52 -15.52 -10.40
N LYS C 83 6.58 -14.20 -10.53
CA LYS C 83 5.42 -13.39 -10.16
C LYS C 83 4.24 -13.60 -11.13
N CYS C 84 4.48 -14.20 -12.29
CA CYS C 84 3.42 -14.59 -13.21
C CYS C 84 2.87 -15.97 -12.94
N ALA C 85 3.33 -16.63 -11.89
CA ALA C 85 2.78 -17.91 -11.50
C ALA C 85 1.71 -17.69 -10.45
N GLY C 86 0.55 -18.29 -10.66
CA GLY C 86 -0.46 -18.28 -9.62
C GLY C 86 0.07 -18.89 -8.33
N ASN C 87 -0.40 -18.35 -7.21
CA ASN C 87 0.11 -18.78 -5.92
C ASN C 87 -0.19 -20.25 -5.64
N GLU C 88 -1.04 -20.88 -6.45
CA GLU C 88 -1.34 -22.30 -6.33
C GLU C 88 -1.10 -23.05 -7.63
N ASP C 89 -0.27 -22.51 -8.51
CA ASP C 89 0.05 -23.18 -9.76
C ASP C 89 1.02 -24.32 -9.52
N ILE C 90 1.02 -25.29 -10.45
CA ILE C 90 2.00 -26.36 -10.45
C ILE C 90 3.15 -25.89 -11.34
N ILE C 91 4.32 -25.70 -10.76
CA ILE C 91 5.47 -25.18 -11.47
C ILE C 91 6.36 -26.34 -11.88
N THR C 92 6.73 -26.37 -13.16
CA THR C 92 7.68 -27.33 -13.68
C THR C 92 8.89 -26.57 -14.20
N LEU C 93 10.08 -26.97 -13.77
CA LEU C 93 11.31 -26.44 -14.32
C LEU C 93 11.82 -27.43 -15.36
N ARG C 94 12.42 -26.91 -16.43
CA ARG C 94 12.81 -27.74 -17.55
C ARG C 94 14.03 -27.13 -18.22
N ALA C 95 15.14 -27.86 -18.22
CA ALA C 95 16.34 -27.43 -18.89
C ALA C 95 16.94 -28.61 -19.64
N GLU C 96 17.66 -28.30 -20.71
CA GLU C 96 18.46 -29.28 -21.42
C GLU C 96 19.94 -28.96 -21.23
N ASP C 97 20.80 -29.87 -21.70
CA ASP C 97 22.21 -29.61 -21.67
C ASP C 97 22.56 -28.51 -22.68
N ASN C 98 23.54 -27.69 -22.33
CA ASN C 98 23.95 -26.53 -23.13
C ASN C 98 22.82 -25.51 -23.29
N ALA C 99 21.90 -25.47 -22.32
CA ALA C 99 20.73 -24.61 -22.43
C ALA C 99 21.11 -23.14 -22.40
N ASP C 100 20.57 -22.36 -23.34
CA ASP C 100 20.57 -20.92 -23.23
C ASP C 100 19.35 -20.40 -22.47
N THR C 101 18.46 -21.28 -22.03
CA THR C 101 17.16 -20.90 -21.49
C THR C 101 16.72 -21.91 -20.45
N LEU C 102 16.08 -21.42 -19.40
CA LEU C 102 15.39 -22.27 -18.45
C LEU C 102 13.90 -22.15 -18.71
N ALA C 103 13.22 -23.29 -18.84
CA ALA C 103 11.79 -23.30 -19.09
C ALA C 103 11.05 -23.38 -17.77
N LEU C 104 10.11 -22.47 -17.57
CA LEU C 104 9.23 -22.49 -16.41
C LEU C 104 7.81 -22.64 -16.90
N VAL C 105 7.15 -23.70 -16.45
CA VAL C 105 5.77 -24.00 -16.87
C VAL C 105 4.87 -23.90 -15.66
N PHE C 106 3.85 -23.05 -15.74
CA PHE C 106 2.92 -22.81 -14.66
C PHE C 106 1.57 -23.39 -15.07
N GLU C 107 1.15 -24.42 -14.35
CA GLU C 107 -0.14 -25.06 -14.60
C GLU C 107 -1.11 -24.62 -13.52
N ALA C 108 -2.19 -23.96 -13.93
CA ALA C 108 -3.21 -23.58 -12.97
C ALA C 108 -4.04 -24.80 -12.61
N PRO C 109 -4.52 -24.88 -11.35
CA PRO C 109 -5.25 -26.06 -10.91
C PRO C 109 -6.75 -25.97 -11.16
N GLU C 112 -7.90 -24.09 -17.00
CA GLU C 112 -7.56 -24.20 -18.41
C GLU C 112 -6.55 -23.14 -18.80
N LYS C 113 -5.63 -22.83 -17.90
CA LYS C 113 -4.58 -21.85 -18.14
C LYS C 113 -3.23 -22.48 -17.82
N VAL C 114 -2.36 -22.55 -18.82
CA VAL C 114 -0.99 -23.02 -18.65
C VAL C 114 -0.05 -21.97 -19.21
N SER C 115 0.91 -21.54 -18.40
CA SER C 115 1.86 -20.51 -18.79
C SER C 115 3.24 -21.14 -18.97
N ASP C 116 3.88 -20.82 -20.09
CA ASP C 116 5.19 -21.36 -20.47
C ASP C 116 6.14 -20.18 -20.60
N TYR C 117 7.13 -20.11 -19.71
CA TYR C 117 8.12 -19.05 -19.76
C TYR C 117 9.49 -19.63 -20.05
N GLU C 118 10.23 -18.96 -20.93
CA GLU C 118 11.63 -19.25 -21.19
C GLU C 118 12.43 -18.07 -20.66
N MET C 119 13.34 -18.34 -19.74
CA MET C 119 14.20 -17.32 -19.16
C MET C 119 15.59 -17.47 -19.73
N LYS C 120 16.11 -16.41 -20.33
CA LYS C 120 17.47 -16.46 -20.84
C LYS C 120 18.44 -16.68 -19.68
N LEU C 121 19.32 -17.66 -19.83
CA LEU C 121 20.33 -17.92 -18.83
C LEU C 121 21.59 -17.12 -19.13
N MET C 122 22.34 -16.82 -18.08
CA MET C 122 23.62 -16.16 -18.20
C MET C 122 24.73 -17.21 -18.10
N ASP C 123 25.96 -16.79 -18.41
CA ASP C 123 27.12 -17.64 -18.22
C ASP C 123 27.70 -17.41 -16.82
N LEU C 124 27.87 -18.51 -16.08
CA LEU C 124 28.44 -18.58 -14.72
C LEU C 124 28.92 -17.27 -14.11
N GLN C 128 31.92 -20.79 -5.66
CA GLN C 128 33.18 -20.05 -5.54
C GLN C 128 33.69 -20.03 -4.09
N LEU C 129 32.78 -19.88 -3.12
CA LEU C 129 33.14 -19.76 -1.71
C LEU C 129 32.71 -20.99 -0.93
N GLY C 130 33.59 -21.47 -0.06
CA GLY C 130 33.34 -22.69 0.70
C GLY C 130 32.90 -22.39 2.12
N ILE C 131 31.91 -23.16 2.58
CA ILE C 131 31.39 -23.04 3.94
C ILE C 131 32.25 -23.91 4.84
N PRO C 132 32.90 -23.36 5.85
CA PRO C 132 33.73 -24.18 6.74
C PRO C 132 32.82 -24.97 7.68
N GLU C 133 33.39 -25.96 8.33
CA GLU C 133 32.64 -26.63 9.38
C GLU C 133 32.79 -25.85 10.67
N GLN C 134 31.67 -25.67 11.36
CA GLN C 134 31.58 -24.81 12.51
C GLN C 134 30.64 -25.46 13.51
N GLU C 135 31.12 -25.65 14.74
CA GLU C 135 30.23 -25.82 15.87
C GLU C 135 29.83 -24.44 16.36
N TYR C 136 28.56 -24.27 16.67
CA TYR C 136 28.05 -22.95 17.03
C TYR C 136 27.85 -22.85 18.53
N SER C 137 28.58 -21.91 19.14
CA SER C 137 28.45 -21.66 20.58
C SER C 137 27.01 -21.42 20.98
N CYS C 138 26.21 -20.81 20.10
CA CYS C 138 24.83 -20.49 20.43
C CYS C 138 23.94 -20.71 19.23
N VAL C 139 22.86 -21.42 19.46
CA VAL C 139 21.84 -21.66 18.44
C VAL C 139 20.50 -21.28 19.05
N VAL C 140 19.76 -20.42 18.36
CA VAL C 140 18.50 -19.90 18.86
C VAL C 140 17.43 -20.28 17.86
N LYS C 141 16.41 -20.97 18.32
CA LYS C 141 15.23 -21.30 17.52
C LYS C 141 14.09 -20.43 18.01
N MET C 142 13.43 -19.75 17.09
CA MET C 142 12.38 -18.80 17.45
C MET C 142 11.42 -18.70 16.28
N PRO C 143 10.25 -18.08 16.47
CA PRO C 143 9.35 -17.87 15.34
C PRO C 143 9.95 -16.90 14.35
N SER C 144 9.75 -17.19 13.07
CA SER C 144 10.33 -16.33 12.04
C SER C 144 9.69 -14.95 12.06
N GLY C 145 8.38 -14.88 12.27
CA GLY C 145 7.71 -13.60 12.37
C GLY C 145 8.26 -12.74 13.50
N GLU C 146 8.52 -13.36 14.66
CA GLU C 146 9.06 -12.61 15.78
C GLU C 146 10.44 -12.05 15.44
N PHE C 147 11.29 -12.85 14.77
CA PHE C 147 12.62 -12.40 14.41
C PHE C 147 12.59 -11.27 13.40
N ALA C 148 11.66 -11.33 12.43
CA ALA C 148 11.54 -10.26 11.46
C ALA C 148 11.08 -8.97 12.12
N ARG C 149 10.17 -9.08 13.09
CA ARG C 149 9.72 -7.90 13.81
C ARG C 149 10.86 -7.30 14.62
N ILE C 150 11.71 -8.14 15.22
CA ILE C 150 12.84 -7.65 15.99
C ILE C 150 13.79 -6.84 15.10
N CYS C 151 14.14 -7.39 13.93
CA CYS C 151 15.08 -6.68 13.07
C CYS C 151 14.45 -5.49 12.38
N ARG C 152 13.13 -5.54 12.18
CA ARG C 152 12.42 -4.36 11.70
C ARG C 152 12.42 -3.26 12.76
N ASP C 153 11.96 -3.59 13.97
CA ASP C 153 11.89 -2.61 15.03
C ASP C 153 13.24 -1.97 15.31
N LEU C 154 14.28 -2.80 15.51
CA LEU C 154 15.58 -2.27 15.86
C LEU C 154 16.16 -1.43 14.74
N SER C 155 15.66 -1.58 13.51
CA SER C 155 16.15 -0.77 12.42
C SER C 155 15.66 0.67 12.52
N HIS C 156 14.59 0.92 13.30
CA HIS C 156 14.23 2.29 13.64
C HIS C 156 15.17 2.91 14.65
N ILE C 157 15.98 2.10 15.34
CA ILE C 157 16.81 2.62 16.42
C ILE C 157 18.24 2.82 15.95
N GLY C 158 18.71 1.95 15.06
CA GLY C 158 20.09 2.04 14.62
C GLY C 158 20.34 1.15 13.43
N ASP C 159 21.59 1.15 12.98
CA ASP C 159 22.01 0.34 11.85
C ASP C 159 22.54 -1.03 12.25
N ALA C 160 22.98 -1.17 13.50
CA ALA C 160 23.63 -2.39 13.98
C ALA C 160 22.83 -2.99 15.12
N VAL C 161 22.82 -4.33 15.18
CA VAL C 161 22.20 -5.06 16.27
C VAL C 161 23.28 -5.84 16.99
N VAL C 162 23.33 -5.69 18.30
CA VAL C 162 24.18 -6.50 19.16
C VAL C 162 23.34 -7.68 19.62
N ILE C 163 23.69 -8.88 19.17
CA ILE C 163 23.00 -10.09 19.57
C ILE C 163 23.79 -10.73 20.71
N SER C 164 23.15 -10.83 21.88
CA SER C 164 23.74 -11.47 23.04
C SER C 164 22.90 -12.69 23.37
N CYS C 165 23.57 -13.83 23.54
CA CYS C 165 22.85 -15.08 23.76
C CYS C 165 23.42 -15.81 24.97
N GLY C 169 18.25 -17.12 27.34
CA GLY C 169 17.94 -15.74 27.02
C GLY C 169 18.84 -15.12 25.97
N VAL C 170 18.24 -14.62 24.89
CA VAL C 170 18.96 -13.90 23.84
C VAL C 170 18.49 -12.46 23.85
N LYS C 171 19.44 -11.53 23.74
CA LYS C 171 19.17 -10.10 23.76
C LYS C 171 19.60 -9.48 22.44
N PHE C 172 18.72 -8.68 21.86
CA PHE C 172 19.00 -7.92 20.64
C PHE C 172 18.98 -6.45 20.99
N SER C 173 20.10 -5.77 20.75
CA SER C 173 20.28 -4.39 21.19
C SER C 173 20.74 -3.55 20.01
N ALA C 174 20.15 -2.37 19.89
CA ALA C 174 20.56 -1.40 18.89
C ALA C 174 20.65 -0.03 19.55
N SER C 175 21.46 0.85 18.96
CA SER C 175 21.54 2.22 19.43
C SER C 175 21.75 3.15 18.26
N GLY C 176 21.17 4.34 18.34
CA GLY C 176 21.41 5.38 17.37
C GLY C 176 21.42 6.74 18.02
N GLU C 177 21.25 7.81 17.24
CA GLU C 177 21.20 9.14 17.82
C GLU C 177 20.03 9.27 18.79
N LEU C 178 18.86 8.73 18.42
CA LEU C 178 17.63 8.97 19.18
C LEU C 178 17.61 8.23 20.51
N GLY C 179 18.44 7.24 20.69
CA GLY C 179 18.47 6.47 21.92
C GLY C 179 18.90 5.04 21.61
N ASN C 180 18.40 4.11 22.40
CA ASN C 180 18.76 2.72 22.17
C ASN C 180 17.62 1.81 22.60
N GLY C 181 17.75 0.54 22.24
CA GLY C 181 16.72 -0.44 22.51
C GLY C 181 17.34 -1.79 22.75
N ASN C 182 16.74 -2.55 23.65
CA ASN C 182 17.18 -3.91 23.98
C ASN C 182 15.94 -4.80 23.93
N ILE C 183 16.03 -5.90 23.19
CA ILE C 183 14.94 -6.85 23.10
C ILE C 183 15.44 -8.19 23.64
N LYS C 184 14.75 -8.68 24.67
CA LYS C 184 15.15 -9.89 25.37
C LYS C 184 14.06 -10.93 25.21
N LEU C 185 14.42 -12.07 24.60
CA LEU C 185 13.57 -13.23 24.49
C LEU C 185 14.13 -14.37 25.32
N SER C 186 13.25 -15.13 25.95
CA SER C 186 13.62 -16.37 26.62
C SER C 186 12.68 -17.48 26.14
N GLN C 187 12.84 -18.67 26.74
CA GLN C 187 12.19 -19.86 26.22
C GLN C 187 10.77 -20.08 26.71
N GLU C 196 6.22 -20.31 17.37
CA GLU C 196 5.60 -20.26 18.69
C GLU C 196 6.65 -20.14 19.80
N ALA C 197 7.53 -21.14 19.88
CA ALA C 197 8.48 -21.26 20.96
C ALA C 197 9.78 -20.55 20.65
N VAL C 198 10.55 -20.29 21.70
CA VAL C 198 11.93 -19.83 21.59
C VAL C 198 12.77 -20.83 22.37
N THR C 199 13.77 -21.42 21.72
CA THR C 199 14.65 -22.36 22.39
C THR C 199 16.08 -21.93 22.17
N ILE C 200 16.91 -22.11 23.19
CA ILE C 200 18.31 -21.70 23.15
C ILE C 200 19.18 -22.86 23.59
N GLU C 201 20.10 -23.27 22.72
CA GLU C 201 21.18 -24.20 23.06
C GLU C 201 22.47 -23.39 23.07
N MET C 202 23.01 -23.16 24.27
CA MET C 202 24.15 -22.27 24.47
C MET C 202 25.29 -23.04 25.12
N ASN C 203 26.38 -23.26 24.35
CA ASN C 203 27.58 -23.88 24.90
C ASN C 203 28.59 -22.86 25.44
N GLU C 204 28.38 -21.57 25.19
CA GLU C 204 29.23 -20.44 25.56
C GLU C 204 28.40 -19.17 25.36
N PRO C 205 28.59 -18.15 26.18
CA PRO C 205 27.93 -16.87 25.89
C PRO C 205 28.67 -16.17 24.75
N VAL C 206 27.91 -15.69 23.77
CA VAL C 206 28.46 -14.98 22.63
C VAL C 206 27.74 -13.66 22.47
N GLN C 207 28.48 -12.64 22.05
CA GLN C 207 27.94 -11.33 21.77
C GLN C 207 28.52 -10.86 20.43
N LEU C 208 27.65 -10.69 19.44
CA LEU C 208 28.08 -10.35 18.09
C LEU C 208 27.27 -9.16 17.57
N THR C 209 27.89 -8.41 16.67
CA THR C 209 27.29 -7.21 16.09
C THR C 209 27.08 -7.43 14.60
N PHE C 210 25.89 -7.09 14.10
CA PHE C 210 25.55 -7.32 12.71
C PHE C 210 24.75 -6.14 12.16
N ALA C 211 24.90 -5.93 10.86
CA ALA C 211 24.16 -4.87 10.17
C ALA C 211 22.71 -5.31 10.01
N LEU C 212 21.78 -4.50 10.53
CA LEU C 212 20.37 -4.84 10.44
C LEU C 212 19.88 -4.82 9.00
N ARG C 213 20.50 -4.01 8.15
CA ARG C 213 20.10 -3.92 6.75
C ARG C 213 20.12 -5.29 6.09
N TYR C 214 21.13 -6.10 6.40
CA TYR C 214 21.21 -7.42 5.78
C TYR C 214 20.27 -8.41 6.47
N LEU C 215 20.19 -8.36 7.80
CA LEU C 215 19.19 -9.18 8.49
C LEU C 215 17.78 -8.89 7.99
N ASN C 216 17.51 -7.64 7.63
CA ASN C 216 16.20 -7.28 7.08
C ASN C 216 16.01 -7.85 5.68
N PHE C 217 17.09 -8.00 4.91
CA PHE C 217 16.99 -8.77 3.67
C PHE C 217 16.72 -10.24 3.98
N PHE C 218 17.39 -10.79 4.99
CA PHE C 218 17.24 -12.21 5.30
C PHE C 218 15.80 -12.55 5.67
N THR C 219 15.14 -11.65 6.41
CA THR C 219 13.80 -11.94 6.86
C THR C 219 12.78 -11.90 5.74
N LYS C 220 13.18 -11.52 4.53
CA LYS C 220 12.29 -11.70 3.39
C LYS C 220 11.98 -13.17 3.13
N ALA C 221 12.77 -14.09 3.71
CA ALA C 221 12.50 -15.52 3.62
C ALA C 221 11.49 -15.99 4.66
N THR C 222 11.01 -15.09 5.52
CA THR C 222 10.05 -15.43 6.57
C THR C 222 8.83 -16.20 6.08
N PRO C 223 8.24 -15.93 4.91
CA PRO C 223 7.11 -16.75 4.46
C PRO C 223 7.45 -18.21 4.23
N LEU C 224 8.73 -18.58 4.19
CA LEU C 224 9.09 -19.97 3.91
C LEU C 224 8.91 -20.88 5.12
N SER C 225 8.90 -20.34 6.33
CA SER C 225 8.87 -21.20 7.51
C SER C 225 8.36 -20.41 8.71
N SER C 226 7.65 -21.13 9.60
CA SER C 226 7.13 -20.51 10.81
C SER C 226 8.23 -20.13 11.78
N THR C 227 9.35 -20.83 11.73
CA THR C 227 10.44 -20.64 12.68
C THR C 227 11.71 -20.28 11.93
N VAL C 228 12.68 -19.77 12.66
CA VAL C 228 14.01 -19.46 12.13
C VAL C 228 15.02 -19.80 13.20
N THR C 229 16.20 -20.22 12.76
CA THR C 229 17.28 -20.55 13.68
C THR C 229 18.46 -19.62 13.42
N LEU C 230 18.99 -19.06 14.50
CA LEU C 230 20.17 -18.21 14.46
C LEU C 230 21.32 -18.95 15.11
N SER C 231 22.39 -19.18 14.36
CA SER C 231 23.57 -19.87 14.87
C SER C 231 24.71 -18.87 15.02
N MET C 232 25.30 -18.82 16.21
CA MET C 232 26.30 -17.83 16.52
C MET C 232 27.52 -18.48 17.18
N SER C 233 28.66 -17.86 16.97
CA SER C 233 29.88 -18.13 17.71
C SER C 233 30.79 -16.94 17.56
N ALA C 234 31.70 -16.79 18.51
CA ALA C 234 32.58 -15.63 18.55
C ALA C 234 33.35 -15.49 17.26
N ASP C 235 33.22 -14.31 16.64
CA ASP C 235 34.05 -13.90 15.51
C ASP C 235 33.85 -14.78 14.27
N VAL C 236 32.67 -15.37 14.12
CA VAL C 236 32.36 -16.09 12.88
C VAL C 236 31.02 -15.55 12.35
N PRO C 237 30.75 -15.77 11.07
CA PRO C 237 29.47 -15.31 10.50
C PRO C 237 28.27 -15.95 11.18
N LEU C 238 27.20 -15.15 11.28
CA LEU C 238 25.93 -15.62 11.83
C LEU C 238 25.19 -16.44 10.79
N VAL C 239 24.55 -17.51 11.24
CA VAL C 239 23.75 -18.35 10.36
C VAL C 239 22.30 -18.14 10.71
N VAL C 240 21.54 -17.63 9.75
CA VAL C 240 20.10 -17.49 9.86
C VAL C 240 19.52 -18.51 8.89
N GLU C 241 18.89 -19.55 9.43
CA GLU C 241 18.45 -20.68 8.64
C GLU C 241 16.92 -20.74 8.59
N TYR C 242 16.39 -20.85 7.38
CA TYR C 242 14.95 -21.02 7.16
C TYR C 242 14.76 -22.37 6.51
N LYS C 243 14.17 -23.31 7.25
CA LYS C 243 13.91 -24.62 6.68
C LYS C 243 12.67 -24.55 5.80
N ILE C 244 12.75 -25.17 4.63
CA ILE C 244 11.64 -25.24 3.69
C ILE C 244 11.08 -26.65 3.82
N ALA C 245 9.99 -26.78 4.58
CA ALA C 245 9.39 -28.05 4.97
C ALA C 245 9.44 -29.06 3.84
N ASP C 246 10.13 -30.19 4.11
CA ASP C 246 10.35 -31.31 3.19
C ASP C 246 11.50 -31.02 2.24
N MET C 247 11.41 -29.93 1.48
CA MET C 247 12.34 -29.66 0.39
C MET C 247 13.76 -29.46 0.86
N GLY C 248 13.96 -28.70 1.93
CA GLY C 248 15.30 -28.36 2.36
C GLY C 248 15.39 -27.08 3.15
N HIS C 249 16.20 -26.12 2.70
CA HIS C 249 16.44 -24.96 3.55
C HIS C 249 16.98 -23.78 2.75
N LEU C 250 16.87 -22.61 3.36
CA LEU C 250 17.51 -21.39 2.89
C LEU C 250 18.36 -20.88 4.03
N LYS C 251 19.67 -20.83 3.81
CA LYS C 251 20.64 -20.45 4.82
C LYS C 251 21.26 -19.13 4.43
N TYR C 252 21.30 -18.19 5.37
CA TYR C 252 22.02 -16.95 5.19
C TYR C 252 23.15 -16.90 6.21
N TYR C 253 24.36 -16.65 5.74
CA TYR C 253 25.51 -16.39 6.59
C TYR C 253 25.81 -14.91 6.51
N LEU C 254 25.98 -14.26 7.67
CA LEU C 254 26.21 -12.83 7.71
C LEU C 254 27.54 -12.55 8.39
N ALA C 255 28.47 -11.97 7.64
CA ALA C 255 29.72 -11.52 8.24
C ALA C 255 29.44 -10.52 9.34
N PRO C 256 30.10 -10.64 10.49
CA PRO C 256 29.86 -9.71 11.59
C PRO C 256 30.51 -8.35 11.34
N LYS C 257 30.07 -7.38 12.11
CA LYS C 257 30.81 -6.15 12.29
C LYS C 257 31.79 -6.36 13.44
N ILE C 258 33.02 -5.88 13.26
CA ILE C 258 34.04 -6.03 14.29
C ILE C 258 34.50 -4.66 14.74
N GLU C 259 34.90 -4.58 16.01
CA GLU C 259 35.29 -3.30 16.58
C GLU C 259 36.64 -2.87 16.03
N ASP C 260 36.75 -1.59 15.71
CA ASP C 260 37.98 -1.02 15.19
C ASP C 260 38.95 -0.72 16.32
N THR D 2 33.12 0.07 15.30
CA THR D 2 32.59 -1.12 14.65
C THR D 2 32.55 -0.96 13.13
N ARG D 3 32.96 -2.00 12.40
CA ARG D 3 33.05 -1.92 10.95
C ARG D 3 32.63 -3.25 10.34
N GLN D 4 31.85 -3.15 9.26
CA GLN D 4 31.37 -4.34 8.59
C GLN D 4 32.53 -5.05 7.90
N THR D 5 32.55 -6.38 8.01
CA THR D 5 33.58 -7.17 7.35
C THR D 5 32.98 -7.93 6.18
N THR D 6 33.83 -8.28 5.22
CA THR D 6 33.38 -9.03 4.06
C THR D 6 33.27 -10.50 4.42
N ILE D 7 32.28 -11.18 3.82
CA ILE D 7 32.12 -12.61 4.05
C ILE D 7 33.35 -13.37 3.57
N THR D 8 34.04 -12.84 2.55
CA THR D 8 35.25 -13.49 2.05
C THR D 8 36.43 -13.37 2.99
N SER D 9 36.37 -12.47 3.98
CA SER D 9 37.41 -12.41 4.99
C SER D 9 37.20 -13.44 6.09
N HIS D 10 36.08 -14.16 6.07
CA HIS D 10 35.81 -15.25 7.00
C HIS D 10 35.81 -16.61 6.31
N PHE D 11 35.19 -16.70 5.14
CA PHE D 11 35.10 -17.93 4.37
C PHE D 11 36.09 -17.89 3.21
N ALA D 12 36.54 -19.07 2.78
CA ALA D 12 37.59 -19.18 1.79
C ALA D 12 37.08 -19.94 0.55
N LYS D 13 37.95 -20.06 -0.44
CA LYS D 13 37.72 -20.91 -1.61
C LYS D 13 38.61 -22.14 -1.55
N GLY D 14 39.93 -21.99 -1.68
CA GLY D 14 40.88 -23.08 -1.64
C GLY D 14 40.50 -24.44 -2.21
N MET E 4 11.33 10.60 40.27
CA MET E 4 11.10 9.35 39.57
C MET E 4 9.64 9.20 39.15
N PHE E 5 9.42 9.02 37.85
CA PHE E 5 8.08 8.85 37.29
C PHE E 5 7.98 7.48 36.65
N GLU E 6 6.84 6.83 36.86
CA GLU E 6 6.58 5.52 36.27
C GLU E 6 5.09 5.38 36.02
N ALA E 7 4.72 5.13 34.77
CA ALA E 7 3.33 4.97 34.38
C ALA E 7 3.19 3.68 33.58
N ARG E 8 2.42 2.73 34.10
CA ARG E 8 2.14 1.49 33.40
C ARG E 8 0.82 1.64 32.66
N LEU E 9 0.80 1.23 31.39
CA LEU E 9 -0.39 1.29 30.57
C LEU E 9 -0.58 -0.08 29.94
N VAL E 10 -1.73 -0.72 30.22
CA VAL E 10 -1.95 -2.03 29.65
C VAL E 10 -2.47 -1.90 28.23
N GLN E 11 -3.28 -0.88 27.95
CA GLN E 11 -3.72 -0.58 26.59
C GLN E 11 -2.70 0.34 25.91
N GLY E 12 -1.48 -0.19 25.78
CA GLY E 12 -0.39 0.56 25.17
C GLY E 12 -0.70 1.10 23.80
N SER E 13 -1.62 0.44 23.06
CA SER E 13 -2.08 0.96 21.77
C SER E 13 -2.45 2.43 21.84
N ILE E 14 -3.06 2.87 22.96
CA ILE E 14 -3.45 4.27 23.11
C ILE E 14 -2.26 5.19 22.88
N LEU E 15 -1.13 4.90 23.55
CA LEU E 15 0.05 5.74 23.38
C LEU E 15 0.59 5.66 21.95
N LYS E 16 0.52 4.48 21.34
CA LYS E 16 0.90 4.35 19.93
C LYS E 16 0.03 5.23 19.06
N LYS E 17 -1.29 5.14 19.24
CA LYS E 17 -2.21 5.97 18.47
C LYS E 17 -1.99 7.45 18.73
N VAL E 18 -1.70 7.81 19.99
CA VAL E 18 -1.50 9.21 20.33
C VAL E 18 -0.34 9.78 19.52
N LEU E 19 0.79 9.08 19.52
CA LEU E 19 1.96 9.59 18.82
C LEU E 19 1.82 9.50 17.31
N GLU E 20 1.10 8.50 16.80
CA GLU E 20 0.76 8.52 15.39
C GLU E 20 -0.05 9.76 15.05
N ALA E 21 -0.82 10.26 16.00
CA ALA E 21 -1.65 11.45 15.79
C ALA E 21 -0.84 12.74 15.84
N LEU E 22 0.29 12.75 16.54
CA LEU E 22 1.03 13.97 16.78
C LEU E 22 2.30 14.09 15.96
N LYS E 23 2.93 12.96 15.60
CA LYS E 23 4.27 12.97 15.03
C LYS E 23 4.39 13.85 13.79
N ASP E 24 3.34 13.93 12.97
CA ASP E 24 3.39 14.65 11.71
C ASP E 24 2.93 16.09 11.86
N LEU E 25 2.72 16.55 13.07
CA LEU E 25 2.25 17.89 13.32
C LEU E 25 3.16 18.69 14.24
N ILE E 26 3.87 18.04 15.15
CA ILE E 26 4.79 18.70 16.07
C ILE E 26 6.13 17.99 16.00
N ASN E 27 7.21 18.76 15.85
CA ASN E 27 8.54 18.16 15.84
C ASN E 27 9.00 17.84 17.26
N GLU E 28 9.17 18.86 18.08
CA GLU E 28 9.62 18.72 19.46
C GLU E 28 8.55 19.28 20.38
N ALA E 29 8.17 18.51 21.40
CA ALA E 29 7.14 18.93 22.34
C ALA E 29 7.54 18.51 23.74
N CYS E 30 7.08 19.29 24.71
CA CYS E 30 7.36 19.04 26.12
C CYS E 30 6.20 18.26 26.73
N TRP E 31 6.51 17.11 27.31
CA TRP E 31 5.51 16.32 28.02
C TRP E 31 5.51 16.74 29.49
N ASP E 32 4.42 17.36 29.93
CA ASP E 32 4.25 17.76 31.32
C ASP E 32 3.76 16.56 32.11
N ILE E 33 4.65 15.97 32.90
CA ILE E 33 4.31 14.86 33.78
C ILE E 33 4.06 15.43 35.17
N SER E 34 2.92 15.09 35.75
CA SER E 34 2.53 15.55 37.07
C SER E 34 1.81 14.42 37.79
N SER E 35 1.51 14.66 39.07
CA SER E 35 0.75 13.67 39.83
C SER E 35 -0.62 13.44 39.22
N SER E 36 -1.21 14.49 38.64
CA SER E 36 -2.53 14.39 38.05
C SER E 36 -2.51 13.64 36.73
N GLY E 37 -1.35 13.54 36.08
CA GLY E 37 -1.24 12.75 34.88
C GLY E 37 -0.26 13.40 33.92
N VAL E 38 -0.36 12.99 32.67
CA VAL E 38 0.51 13.45 31.62
C VAL E 38 -0.21 14.56 30.85
N ASN E 39 0.50 15.68 30.63
CA ASN E 39 -0.05 16.78 29.85
C ASN E 39 0.93 17.14 28.74
N LEU E 40 0.38 17.37 27.55
CA LEU E 40 1.19 17.87 26.44
C LEU E 40 0.40 18.95 25.75
N GLN E 41 1.03 20.10 25.59
CA GLN E 41 0.42 21.23 24.91
C GLN E 41 1.49 21.83 24.01
N SER E 42 1.14 21.99 22.74
CA SER E 42 2.16 22.33 21.77
C SER E 42 1.49 22.91 20.54
N MET E 43 2.04 24.01 20.04
CA MET E 43 1.69 24.44 18.71
C MET E 43 2.23 23.46 17.70
N ASP E 44 1.55 23.40 16.56
CA ASP E 44 2.15 22.66 15.48
C ASP E 44 3.29 23.46 14.89
N SER E 45 3.95 22.83 13.94
CA SER E 45 5.18 23.38 13.38
C SER E 45 4.88 24.57 12.48
N SER E 46 3.64 24.66 11.95
CA SER E 46 3.13 25.74 11.11
C SER E 46 2.62 26.93 11.90
N HIS E 47 2.50 26.81 13.22
CA HIS E 47 2.04 27.89 14.09
C HIS E 47 0.59 28.31 13.84
N VAL E 48 -0.22 27.42 13.26
CA VAL E 48 -1.62 27.70 13.02
C VAL E 48 -2.54 26.94 13.95
N SER E 49 -2.02 25.97 14.68
CA SER E 49 -2.86 25.14 15.51
C SER E 49 -2.18 24.92 16.85
N LEU E 50 -2.97 24.46 17.82
CA LEU E 50 -2.48 24.16 19.15
C LEU E 50 -3.03 22.81 19.55
N VAL E 51 -2.16 21.92 19.95
CA VAL E 51 -2.53 20.57 20.36
C VAL E 51 -2.49 20.51 21.88
N GLN E 52 -3.50 19.91 22.47
CA GLN E 52 -3.57 19.75 23.91
C GLN E 52 -3.92 18.30 24.18
N LEU E 53 -2.96 17.55 24.71
CA LEU E 53 -3.15 16.16 25.04
C LEU E 53 -3.17 16.02 26.56
N THR E 54 -4.13 15.25 27.06
CA THR E 54 -4.26 15.01 28.49
C THR E 54 -4.51 13.52 28.70
N LEU E 55 -3.58 12.87 29.39
CA LEU E 55 -3.78 11.51 29.87
C LEU E 55 -3.80 11.57 31.39
N ARG E 56 -4.99 11.43 31.97
CA ARG E 56 -5.13 11.49 33.42
C ARG E 56 -4.46 10.27 34.06
N SER E 57 -3.87 10.49 35.24
CA SER E 57 -3.17 9.41 35.93
C SER E 57 -4.08 8.19 36.14
N GLU E 58 -5.35 8.44 36.47
CA GLU E 58 -6.32 7.37 36.67
C GLU E 58 -6.36 6.40 35.50
N GLY E 59 -6.25 6.92 34.27
CA GLY E 59 -6.30 6.05 33.11
C GLY E 59 -5.18 5.05 33.03
N PHE E 60 -4.06 5.34 33.69
CA PHE E 60 -2.96 4.38 33.75
C PHE E 60 -3.26 3.31 34.79
N ASP E 61 -2.65 2.14 34.58
CA ASP E 61 -2.90 1.03 35.49
C ASP E 61 -2.03 1.11 36.74
N THR E 62 -0.81 1.60 36.61
CA THR E 62 -0.07 2.14 37.74
C THR E 62 0.53 3.47 37.30
N TYR E 63 0.51 4.44 38.19
CA TYR E 63 1.02 5.76 37.88
C TYR E 63 1.67 6.34 39.13
N ARG E 64 2.88 6.86 38.97
CA ARG E 64 3.62 7.45 40.08
C ARG E 64 4.48 8.57 39.52
N CYS E 65 4.41 9.74 40.16
CA CYS E 65 5.27 10.87 39.82
C CYS E 65 5.54 11.63 41.11
N ASP E 66 6.72 11.38 41.70
CA ASP E 66 7.08 12.03 42.96
C ASP E 66 7.17 13.54 42.79
N ARG E 67 7.79 14.00 41.71
CA ARG E 67 7.98 15.41 41.44
C ARG E 67 7.66 15.66 39.98
N ASN E 68 7.00 16.79 39.71
CA ASN E 68 6.63 17.12 38.34
C ASN E 68 7.87 17.16 37.46
N LEU E 69 7.68 16.85 36.17
CA LEU E 69 8.80 16.80 35.25
C LEU E 69 8.34 17.17 33.85
N ALA E 70 9.18 17.94 33.18
CA ALA E 70 8.92 18.43 31.82
C ALA E 70 9.95 17.79 30.90
N MET E 71 9.55 16.78 30.16
CA MET E 71 10.44 16.06 29.26
C MET E 71 10.27 16.62 27.85
N GLY E 72 11.30 17.31 27.36
CA GLY E 72 11.35 17.64 25.95
C GLY E 72 11.53 16.37 25.13
N VAL E 73 10.65 16.17 24.17
CA VAL E 73 10.60 14.93 23.41
C VAL E 73 10.55 15.24 21.91
N ASN E 74 11.41 14.60 21.14
CA ASN E 74 11.25 14.56 19.70
C ASN E 74 10.13 13.57 19.40
N LEU E 75 9.01 14.07 18.87
CA LEU E 75 7.84 13.22 18.74
C LEU E 75 8.03 12.16 17.66
N THR E 76 8.86 12.46 16.66
CA THR E 76 9.12 11.45 15.62
C THR E 76 9.94 10.31 16.19
N SER E 77 10.99 10.62 16.94
CA SER E 77 11.80 9.57 17.56
C SER E 77 10.96 8.76 18.53
N MET E 78 10.09 9.41 19.30
CA MET E 78 9.17 8.67 20.16
C MET E 78 8.20 7.85 19.33
N SER E 79 7.72 8.40 18.21
CA SER E 79 6.91 7.62 17.27
C SER E 79 7.64 6.35 16.83
N LYS E 80 8.89 6.49 16.38
CA LYS E 80 9.66 5.34 15.94
C LYS E 80 9.76 4.29 17.04
N ILE E 81 10.06 4.73 18.27
CA ILE E 81 10.18 3.80 19.39
C ILE E 81 8.85 3.11 19.66
N LEU E 82 7.76 3.84 19.58
CA LEU E 82 6.45 3.24 19.84
C LEU E 82 5.99 2.33 18.70
N LYS E 83 6.52 2.51 17.50
CA LYS E 83 6.24 1.54 16.45
C LYS E 83 6.91 0.19 16.72
N CYS E 84 7.85 0.13 17.67
CA CYS E 84 8.46 -1.13 18.08
C CYS E 84 7.70 -1.80 19.23
N ALA E 85 6.56 -1.23 19.62
CA ALA E 85 5.71 -1.85 20.62
C ALA E 85 4.65 -2.68 19.90
N GLY E 86 4.47 -3.92 20.34
CA GLY E 86 3.36 -4.71 19.84
C GLY E 86 2.04 -4.04 20.12
N ASN E 87 1.08 -4.20 19.21
CA ASN E 87 -0.19 -3.50 19.33
C ASN E 87 -1.00 -3.92 20.55
N GLU E 88 -0.59 -4.99 21.24
CA GLU E 88 -1.21 -5.43 22.49
C GLU E 88 -0.20 -5.52 23.61
N ASP E 89 0.93 -4.82 23.50
CA ASP E 89 1.98 -4.82 24.51
C ASP E 89 1.56 -3.99 25.73
N ILE E 90 2.19 -4.28 26.86
CA ILE E 90 2.05 -3.48 28.07
C ILE E 90 3.19 -2.46 28.07
N ILE E 91 2.86 -1.19 27.95
CA ILE E 91 3.86 -0.12 27.87
C ILE E 91 4.02 0.51 29.24
N THR E 92 5.26 0.62 29.70
CA THR E 92 5.60 1.33 30.92
C THR E 92 6.52 2.49 30.56
N LEU E 93 6.18 3.67 31.03
CA LEU E 93 7.05 4.83 30.91
C LEU E 93 7.82 5.00 32.21
N ARG E 94 9.07 5.43 32.12
CA ARG E 94 9.94 5.50 33.29
C ARG E 94 10.94 6.62 33.09
N ALA E 95 10.90 7.60 34.00
CA ALA E 95 11.85 8.70 33.99
C ALA E 95 12.32 8.97 35.42
N GLU E 96 13.51 9.51 35.54
CA GLU E 96 14.03 10.00 36.81
C GLU E 96 14.14 11.52 36.76
N ASP E 97 14.45 12.11 37.91
CA ASP E 97 14.71 13.54 37.94
C ASP E 97 16.03 13.83 37.22
N ASN E 98 16.08 14.95 36.51
CA ASN E 98 17.24 15.34 35.70
C ASN E 98 17.51 14.31 34.59
N ALA E 99 16.47 13.60 34.15
CA ALA E 99 16.66 12.52 33.19
C ALA E 99 17.13 13.08 31.85
N ASP E 100 18.17 12.48 31.29
CA ASP E 100 18.51 12.67 29.90
C ASP E 100 17.76 11.69 29.00
N THR E 101 16.93 10.84 29.59
CA THR E 101 16.37 9.71 28.89
C THR E 101 15.00 9.38 29.45
N LEU E 102 14.08 9.04 28.56
CA LEU E 102 12.81 8.45 28.93
C LEU E 102 12.86 6.97 28.62
N ALA E 103 12.50 6.15 29.60
CA ALA E 103 12.51 4.70 29.42
C ALA E 103 11.14 4.23 28.97
N LEU E 104 11.09 3.48 27.88
CA LEU E 104 9.88 2.84 27.42
C LEU E 104 10.10 1.34 27.45
N VAL E 105 9.26 0.64 28.18
CA VAL E 105 9.35 -0.81 28.32
C VAL E 105 8.10 -1.42 27.73
N PHE E 106 8.27 -2.30 26.76
CA PHE E 106 7.16 -2.96 26.06
C PHE E 106 7.16 -4.41 26.46
N GLU E 107 6.11 -4.84 27.17
CA GLU E 107 5.94 -6.22 27.60
C GLU E 107 4.89 -6.87 26.72
N ALA E 108 5.28 -7.90 25.98
CA ALA E 108 4.32 -8.65 25.20
C ALA E 108 3.56 -9.64 26.08
N PRO E 109 2.28 -9.89 25.79
CA PRO E 109 1.45 -10.81 26.59
C PRO E 109 1.48 -12.24 26.06
N GLU E 112 6.85 -13.77 26.04
CA GLU E 112 8.18 -13.89 26.61
C GLU E 112 9.16 -12.96 25.89
N LYS E 113 8.66 -11.79 25.51
CA LYS E 113 9.45 -10.76 24.84
C LYS E 113 9.28 -9.47 25.60
N VAL E 114 10.37 -8.91 26.09
CA VAL E 114 10.34 -7.61 26.77
C VAL E 114 11.35 -6.70 26.07
N SER E 115 10.87 -5.56 25.61
CA SER E 115 11.70 -4.60 24.90
C SER E 115 11.91 -3.37 25.76
N ASP E 116 13.16 -2.93 25.87
CA ASP E 116 13.55 -1.81 26.71
C ASP E 116 14.14 -0.74 25.81
N TYR E 117 13.48 0.40 25.73
CA TYR E 117 13.96 1.52 24.93
C TYR E 117 14.29 2.71 25.80
N GLU E 118 15.43 3.33 25.52
CA GLU E 118 15.82 4.60 26.11
C GLU E 118 15.77 5.63 25.00
N MET E 119 14.96 6.67 25.19
CA MET E 119 14.84 7.75 24.23
C MET E 119 15.56 8.96 24.80
N LYS E 120 16.53 9.48 24.05
CA LYS E 120 17.22 10.68 24.48
C LYS E 120 16.22 11.84 24.55
N LEU E 121 16.22 12.55 25.66
CA LEU E 121 15.35 13.70 25.81
C LEU E 121 16.05 14.96 25.33
N MET E 122 15.25 15.92 24.89
CA MET E 122 15.77 17.23 24.51
C MET E 122 15.51 18.23 25.62
N ASP E 123 16.21 19.36 25.54
CA ASP E 123 15.89 20.53 26.33
C ASP E 123 15.01 21.44 25.46
N LEU E 124 13.85 21.81 25.97
CA LEU E 124 12.96 22.69 25.21
C LEU E 124 12.38 23.80 26.08
N GLN E 128 3.84 27.41 26.94
CA GLN E 128 4.11 28.77 26.50
C GLN E 128 2.82 29.50 26.09
N LEU E 129 1.86 28.82 25.48
CA LEU E 129 0.65 29.44 24.97
C LEU E 129 -0.53 29.03 25.83
N GLY E 130 -1.38 30.00 26.17
CA GLY E 130 -2.51 29.77 27.05
C GLY E 130 -3.82 29.64 26.28
N ILE E 131 -4.63 28.69 26.70
CA ILE E 131 -5.95 28.45 26.11
C ILE E 131 -6.94 29.36 26.81
N PRO E 132 -7.64 30.23 26.10
CA PRO E 132 -8.56 31.16 26.76
C PRO E 132 -9.81 30.42 27.20
N GLU E 133 -10.60 31.10 28.02
CA GLU E 133 -11.93 30.59 28.32
C GLU E 133 -12.85 31.00 27.20
N GLN E 134 -13.62 30.04 26.69
CA GLN E 134 -14.44 30.24 25.51
C GLN E 134 -15.72 29.44 25.68
N GLU E 135 -16.85 30.11 25.59
CA GLU E 135 -18.10 29.45 25.26
C GLU E 135 -18.17 29.34 23.76
N TYR E 136 -18.60 28.19 23.26
CA TYR E 136 -18.59 27.94 21.84
C TYR E 136 -20.00 28.09 21.31
N SER E 137 -20.18 29.05 20.40
CA SER E 137 -21.49 29.29 19.80
C SER E 137 -22.09 28.01 19.25
N CYS E 138 -21.26 27.11 18.72
CA CYS E 138 -21.77 25.90 18.12
C CYS E 138 -20.84 24.72 18.40
N VAL E 139 -21.41 23.62 18.85
CA VAL E 139 -20.67 22.40 19.14
C VAL E 139 -21.32 21.25 18.39
N VAL E 140 -20.50 20.50 17.65
CA VAL E 140 -20.96 19.41 16.80
C VAL E 140 -20.29 18.13 17.25
N LYS E 141 -21.08 17.12 17.59
CA LYS E 141 -20.60 15.79 17.89
C LYS E 141 -20.99 14.88 16.73
N MET E 142 -20.02 14.13 16.22
CA MET E 142 -20.25 13.29 15.05
C MET E 142 -19.28 12.14 15.10
N PRO E 143 -19.48 11.11 14.25
CA PRO E 143 -18.49 10.02 14.20
C PRO E 143 -17.17 10.53 13.66
N SER E 144 -16.08 10.04 14.25
CA SER E 144 -14.76 10.52 13.84
C SER E 144 -14.44 10.11 12.41
N GLY E 145 -14.81 8.88 12.04
CA GLY E 145 -14.60 8.43 10.67
C GLY E 145 -15.31 9.30 9.64
N GLU E 146 -16.56 9.68 9.94
CA GLU E 146 -17.30 10.54 9.01
C GLU E 146 -16.60 11.89 8.86
N PHE E 147 -16.11 12.45 9.98
CA PHE E 147 -15.42 13.74 9.91
C PHE E 147 -14.13 13.63 9.12
N ALA E 148 -13.38 12.53 9.29
CA ALA E 148 -12.15 12.34 8.53
C ALA E 148 -12.46 12.16 7.05
N ARG E 149 -13.54 11.46 6.73
CA ARG E 149 -13.94 11.31 5.34
C ARG E 149 -14.33 12.66 4.74
N ILE E 150 -15.00 13.50 5.51
CA ILE E 150 -15.39 14.82 5.03
C ILE E 150 -14.14 15.64 4.69
N CYS E 151 -13.16 15.66 5.59
CA CYS E 151 -11.98 16.51 5.36
C CYS E 151 -11.07 15.91 4.32
N ARG E 152 -11.08 14.59 4.19
CA ARG E 152 -10.38 13.95 3.08
C ARG E 152 -11.05 14.29 1.76
N ASP E 153 -12.37 14.06 1.67
CA ASP E 153 -13.09 14.32 0.42
C ASP E 153 -12.94 15.76 -0.02
N LEU E 154 -13.21 16.71 0.88
CA LEU E 154 -13.19 18.11 0.46
C LEU E 154 -11.80 18.59 0.07
N SER E 155 -10.75 17.91 0.52
CA SER E 155 -9.42 18.33 0.12
C SER E 155 -9.11 17.96 -1.33
N HIS E 156 -9.90 17.05 -1.92
CA HIS E 156 -9.85 16.88 -3.37
C HIS E 156 -10.50 18.05 -4.10
N ILE E 157 -11.28 18.86 -3.39
CA ILE E 157 -12.04 19.94 -4.02
C ILE E 157 -11.35 21.28 -3.83
N GLY E 158 -10.70 21.46 -2.69
CA GLY E 158 -10.06 22.74 -2.42
C GLY E 158 -9.14 22.65 -1.23
N ASP E 159 -8.54 23.80 -0.90
CA ASP E 159 -7.64 23.90 0.24
C ASP E 159 -8.35 24.33 1.51
N ALA E 160 -9.50 24.98 1.39
CA ALA E 160 -10.20 25.56 2.52
C ALA E 160 -11.60 24.94 2.63
N VAL E 161 -12.06 24.78 3.87
CA VAL E 161 -13.42 24.33 4.15
C VAL E 161 -14.13 25.44 4.90
N VAL E 162 -15.31 25.82 4.41
CA VAL E 162 -16.18 26.71 5.16
C VAL E 162 -17.14 25.84 5.95
N ILE E 163 -17.04 25.90 7.27
CA ILE E 163 -17.91 25.13 8.15
C ILE E 163 -19.08 26.02 8.53
N SER E 164 -20.27 25.63 8.13
CA SER E 164 -21.49 26.36 8.45
C SER E 164 -22.39 25.50 9.32
N CYS E 165 -22.84 26.05 10.43
CA CYS E 165 -23.66 25.28 11.34
C CYS E 165 -24.91 26.05 11.76
N GLY E 169 -28.12 21.21 11.72
CA GLY E 169 -27.45 21.03 10.45
C GLY E 169 -26.10 21.73 10.34
N VAL E 170 -25.06 20.96 10.02
CA VAL E 170 -23.72 21.49 9.78
C VAL E 170 -23.38 21.26 8.31
N LYS E 171 -22.83 22.29 7.67
CA LYS E 171 -22.44 22.22 6.27
C LYS E 171 -20.95 22.47 6.15
N PHE E 172 -20.28 21.59 5.41
CA PHE E 172 -18.86 21.72 5.10
C PHE E 172 -18.75 21.94 3.60
N SER E 173 -18.19 23.07 3.21
CA SER E 173 -18.14 23.43 1.80
C SER E 173 -16.72 23.79 1.43
N ALA E 174 -16.29 23.32 0.26
CA ALA E 174 -14.99 23.68 -0.28
C ALA E 174 -15.18 24.05 -1.74
N SER E 175 -14.24 24.83 -2.28
CA SER E 175 -14.24 25.17 -3.68
C SER E 175 -12.80 25.26 -4.17
N GLY E 176 -12.59 24.84 -5.42
CA GLY E 176 -11.31 24.97 -6.09
C GLY E 176 -11.50 25.25 -7.57
N GLU E 177 -10.46 25.01 -8.36
CA GLU E 177 -10.58 25.20 -9.80
C GLU E 177 -11.64 24.27 -10.40
N LEU E 178 -11.66 23.01 -9.97
CA LEU E 178 -12.52 22.02 -10.62
C LEU E 178 -13.99 22.23 -10.30
N GLY E 179 -14.31 22.97 -9.27
CA GLY E 179 -15.69 23.16 -8.89
C GLY E 179 -15.78 23.37 -7.39
N ASN E 180 -16.90 22.92 -6.81
CA ASN E 180 -17.08 23.08 -5.38
C ASN E 180 -17.95 21.95 -4.86
N GLY E 181 -17.99 21.85 -3.54
CA GLY E 181 -18.73 20.79 -2.88
C GLY E 181 -19.28 21.29 -1.56
N ASN E 182 -20.45 20.77 -1.22
CA ASN E 182 -21.13 21.09 0.03
C ASN E 182 -21.51 19.76 0.65
N ILE E 183 -21.14 19.57 1.91
CA ILE E 183 -21.46 18.35 2.64
C ILE E 183 -22.33 18.74 3.81
N LYS E 184 -23.54 18.18 3.87
CA LYS E 184 -24.54 18.56 4.85
C LYS E 184 -24.83 17.37 5.76
N LEU E 185 -24.57 17.55 7.05
CA LEU E 185 -24.91 16.59 8.08
C LEU E 185 -26.00 17.19 8.96
N SER E 186 -26.96 16.37 9.36
CA SER E 186 -27.95 16.76 10.35
C SER E 186 -28.05 15.67 11.40
N GLN E 187 -28.97 15.86 12.35
CA GLN E 187 -29.02 15.00 13.53
C GLN E 187 -29.85 13.73 13.28
N GLU E 196 -21.60 6.99 15.55
CA GLU E 196 -22.89 6.67 14.97
C GLU E 196 -23.73 7.92 14.72
N ALA E 197 -24.01 8.66 15.80
CA ALA E 197 -24.93 9.79 15.74
C ALA E 197 -24.20 11.08 15.42
N VAL E 198 -24.98 12.07 14.98
CA VAL E 198 -24.52 13.44 14.82
C VAL E 198 -25.45 14.34 15.64
N THR E 199 -24.89 15.10 16.57
CA THR E 199 -25.66 15.99 17.40
C THR E 199 -25.07 17.39 17.33
N ILE E 200 -25.94 18.40 17.36
CA ILE E 200 -25.54 19.80 17.25
C ILE E 200 -26.16 20.58 18.39
N GLU E 201 -25.33 21.24 19.18
CA GLU E 201 -25.78 22.23 20.15
C GLU E 201 -25.36 23.58 19.60
N MET E 202 -26.33 24.37 19.14
CA MET E 202 -26.08 25.63 18.44
C MET E 202 -26.74 26.75 19.23
N ASN E 203 -25.92 27.61 19.84
CA ASN E 203 -26.41 28.80 20.51
C ASN E 203 -26.45 30.02 19.58
N GLU E 204 -25.89 29.90 18.39
CA GLU E 204 -25.80 30.94 17.37
C GLU E 204 -25.28 30.29 16.10
N PRO E 205 -25.73 30.72 14.92
CA PRO E 205 -25.13 30.20 13.69
C PRO E 205 -23.73 30.77 13.46
N VAL E 206 -22.80 29.90 13.10
CA VAL E 206 -21.43 30.29 12.83
C VAL E 206 -21.01 29.78 11.46
N GLN E 207 -20.18 30.57 10.78
CA GLN E 207 -19.57 30.20 9.52
C GLN E 207 -18.10 30.53 9.59
N LEU E 208 -17.25 29.50 9.54
CA LEU E 208 -15.82 29.69 9.68
C LEU E 208 -15.09 28.94 8.57
N THR E 209 -13.91 29.44 8.22
CA THR E 209 -13.09 28.88 7.15
C THR E 209 -11.79 28.35 7.73
N PHE E 210 -11.41 27.14 7.34
CA PHE E 210 -10.22 26.49 7.88
C PHE E 210 -9.46 25.76 6.78
N ALA E 211 -8.15 25.67 6.98
CA ALA E 211 -7.29 24.94 6.05
C ALA E 211 -7.49 23.45 6.22
N LEU E 212 -7.88 22.77 5.14
CA LEU E 212 -8.13 21.34 5.22
C LEU E 212 -6.87 20.57 5.53
N ARG E 213 -5.71 21.10 5.12
CA ARG E 213 -4.44 20.44 5.38
C ARG E 213 -4.25 20.16 6.87
N TYR E 214 -4.63 21.11 7.72
CA TYR E 214 -4.45 20.91 9.15
C TYR E 214 -5.55 20.03 9.74
N LEU E 215 -6.80 20.22 9.31
CA LEU E 215 -7.84 19.29 9.71
C LEU E 215 -7.49 17.87 9.32
N ASN E 216 -6.81 17.68 8.18
CA ASN E 216 -6.38 16.34 7.77
C ASN E 216 -5.26 15.81 8.66
N PHE E 217 -4.43 16.68 9.23
CA PHE E 217 -3.52 16.23 10.28
C PHE E 217 -4.29 15.81 11.53
N PHE E 218 -5.32 16.59 11.89
CA PHE E 218 -6.06 16.30 13.12
C PHE E 218 -6.70 14.93 13.06
N THR E 219 -7.21 14.56 11.89
CA THR E 219 -7.93 13.30 11.79
C THR E 219 -7.03 12.08 11.86
N LYS E 220 -5.71 12.27 11.92
CA LYS E 220 -4.82 11.16 12.25
C LYS E 220 -5.10 10.63 13.66
N ALA E 221 -5.81 11.40 14.48
CA ALA E 221 -6.23 10.96 15.81
C ALA E 221 -7.51 10.14 15.77
N THR E 222 -8.11 9.97 14.60
CA THR E 222 -9.37 9.23 14.47
C THR E 222 -9.35 7.85 15.13
N PRO E 223 -8.27 7.06 15.09
CA PRO E 223 -8.29 5.77 15.81
C PRO E 223 -8.46 5.90 17.32
N LEU E 224 -8.31 7.09 17.89
CA LEU E 224 -8.41 7.22 19.35
C LEU E 224 -9.85 7.14 19.84
N SER E 225 -10.83 7.44 18.99
CA SER E 225 -12.21 7.51 19.43
C SER E 225 -13.13 7.39 18.22
N SER E 226 -14.27 6.75 18.43
CA SER E 226 -15.28 6.59 17.38
C SER E 226 -15.95 7.92 17.01
N THR E 227 -15.95 8.88 17.93
CA THR E 227 -16.61 10.16 17.73
C THR E 227 -15.59 11.29 17.83
N VAL E 228 -15.99 12.45 17.33
CA VAL E 228 -15.20 13.66 17.42
C VAL E 228 -16.16 14.82 17.63
N THR E 229 -15.70 15.85 18.34
CA THR E 229 -16.49 17.03 18.59
C THR E 229 -15.80 18.25 17.98
N LEU E 230 -16.58 19.04 17.25
CA LEU E 230 -16.11 20.29 16.68
C LEU E 230 -16.80 21.43 17.39
N SER E 231 -16.02 22.29 18.04
CA SER E 231 -16.55 23.43 18.76
C SER E 231 -16.18 24.70 18.02
N MET E 232 -17.17 25.54 17.75
CA MET E 232 -16.98 26.71 16.91
C MET E 232 -17.53 27.95 17.59
N SER E 233 -16.93 29.08 17.25
CA SER E 233 -17.48 30.38 17.58
C SER E 233 -16.87 31.40 16.63
N ALA E 234 -17.58 32.50 16.44
CA ALA E 234 -17.17 33.49 15.47
C ALA E 234 -15.77 34.01 15.77
N ASP E 235 -14.87 33.89 14.79
CA ASP E 235 -13.56 34.51 14.82
C ASP E 235 -12.67 33.98 15.95
N VAL E 236 -12.88 32.73 16.36
CA VAL E 236 -11.99 32.10 17.33
C VAL E 236 -11.54 30.76 16.75
N PRO E 237 -10.44 30.20 17.26
CA PRO E 237 -9.98 28.90 16.75
C PRO E 237 -11.00 27.79 16.96
N LEU E 238 -11.06 26.88 15.98
CA LEU E 238 -11.92 25.71 16.04
C LEU E 238 -11.29 24.65 16.91
N VAL E 239 -12.12 23.96 17.70
CA VAL E 239 -11.64 22.90 18.57
C VAL E 239 -12.14 21.57 18.02
N VAL E 240 -11.20 20.69 17.70
CA VAL E 240 -11.48 19.32 17.31
C VAL E 240 -11.00 18.45 18.45
N GLU E 241 -11.93 17.84 19.17
CA GLU E 241 -11.61 17.10 20.39
C GLU E 241 -11.85 15.61 20.17
N TYR E 242 -10.84 14.81 20.50
CA TYR E 242 -10.93 13.36 20.47
C TYR E 242 -10.74 12.87 21.91
N LYS E 243 -11.80 12.37 22.52
CA LYS E 243 -11.68 11.85 23.87
C LYS E 243 -11.06 10.47 23.82
N ILE E 244 -10.11 10.23 24.72
CA ILE E 244 -9.44 8.94 24.85
C ILE E 244 -10.08 8.24 26.04
N ALA E 245 -11.00 7.32 25.75
CA ALA E 245 -11.86 6.67 26.74
C ALA E 245 -11.13 6.38 28.04
N ASP E 246 -11.62 6.99 29.12
CA ASP E 246 -11.09 6.89 30.49
C ASP E 246 -9.91 7.83 30.69
N MET E 247 -8.88 7.69 29.84
CA MET E 247 -7.62 8.39 30.05
C MET E 247 -7.75 9.90 29.98
N GLY E 248 -8.51 10.41 29.01
CA GLY E 248 -8.59 11.84 28.81
C GLY E 248 -8.94 12.25 27.39
N HIS E 249 -8.10 13.06 26.74
CA HIS E 249 -8.49 13.60 25.46
C HIS E 249 -7.29 14.11 24.68
N LEU E 250 -7.51 14.28 23.37
CA LEU E 250 -6.58 14.94 22.47
C LEU E 250 -7.36 16.07 21.80
N LYS E 251 -6.93 17.30 22.05
CA LYS E 251 -7.61 18.50 21.57
C LYS E 251 -6.73 19.19 20.55
N TYR E 252 -7.31 19.54 19.40
CA TYR E 252 -6.65 20.37 18.41
C TYR E 252 -7.44 21.68 18.28
N TYR E 253 -6.73 22.80 18.42
CA TYR E 253 -7.30 24.12 18.13
C TYR E 253 -6.71 24.58 16.82
N LEU E 254 -7.55 25.07 15.91
CA LEU E 254 -7.11 25.47 14.59
C LEU E 254 -7.46 26.93 14.36
N ALA E 255 -6.43 27.75 14.20
CA ALA E 255 -6.63 29.15 13.85
C ALA E 255 -7.42 29.24 12.55
N PRO E 256 -8.41 30.12 12.47
CA PRO E 256 -9.20 30.23 11.25
C PRO E 256 -8.45 30.96 10.15
N LYS E 257 -8.96 30.79 8.94
CA LYS E 257 -8.63 31.70 7.84
C LYS E 257 -9.60 32.87 7.88
N ILE E 258 -9.08 34.08 7.68
CA ILE E 258 -9.91 35.27 7.73
C ILE E 258 -9.87 35.96 6.38
N GLU E 259 -10.97 36.63 6.05
CA GLU E 259 -11.07 37.29 4.76
C GLU E 259 -10.22 38.55 4.74
N ASP E 260 -9.52 38.75 3.64
CA ASP E 260 -8.68 39.94 3.48
C ASP E 260 -9.51 41.14 3.03
N THR F 2 -9.20 35.29 1.50
CA THR F 2 -9.05 34.52 2.71
C THR F 2 -7.57 34.18 2.98
N ARG F 3 -7.14 34.30 4.25
CA ARG F 3 -5.74 34.08 4.60
C ARG F 3 -5.64 33.38 5.94
N GLN F 4 -4.73 32.42 6.01
CA GLN F 4 -4.53 31.66 7.25
C GLN F 4 -3.92 32.57 8.31
N THR F 5 -4.42 32.46 9.53
CA THR F 5 -3.87 33.23 10.65
C THR F 5 -3.11 32.30 11.59
N THR F 6 -2.18 32.88 12.33
CA THR F 6 -1.41 32.12 13.29
C THR F 6 -2.23 31.91 14.55
N ILE F 7 -2.03 30.74 15.18
CA ILE F 7 -2.73 30.47 16.44
C ILE F 7 -2.32 31.48 17.51
N THR F 8 -1.09 32.00 17.43
CA THR F 8 -0.64 32.97 18.41
C THR F 8 -1.30 34.34 18.24
N SER F 9 -1.93 34.59 17.09
CA SER F 9 -2.69 35.82 16.93
C SER F 9 -4.07 35.74 17.55
N HIS F 10 -4.46 34.56 18.05
CA HIS F 10 -5.71 34.35 18.76
C HIS F 10 -5.51 34.04 20.23
N PHE F 11 -4.55 33.18 20.54
CA PHE F 11 -4.24 32.77 21.90
C PHE F 11 -3.00 33.50 22.38
N ALA F 12 -2.90 33.69 23.69
CA ALA F 12 -1.84 34.51 24.27
C ALA F 12 -0.98 33.68 25.22
N LYS F 13 0.06 34.33 25.74
CA LYS F 13 0.89 33.81 26.82
C LYS F 13 0.65 34.64 28.09
N GLY F 14 0.67 33.96 29.24
CA GLY F 14 0.45 34.57 30.54
C GLY F 14 0.58 36.07 30.74
#